data_7YD3
#
_entry.id   7YD3
#
_cell.length_a   47.183
_cell.length_b   70.490
_cell.length_c   74.815
_cell.angle_alpha   108.830
_cell.angle_beta   93.820
_cell.angle_gamma   90.090
#
_symmetry.space_group_name_H-M   'P 1'
#
loop_
_entity.id
_entity.type
_entity.pdbx_description
1 polymer 'heavy chain of 3D1 scFv'
2 polymer 'light chain of 3D1 scFv'
3 non-polymer DI(HYDROXYETHYL)ETHER
4 non-polymer 1,2-ETHANEDIOL
5 non-polymer 'CHLORIDE ION'
6 water water
#
loop_
_entity_poly.entity_id
_entity_poly.type
_entity_poly.pdbx_seq_one_letter_code
_entity_poly.pdbx_strand_id
1 'polypeptide(L)'
;QVQLVQSGSELKKPGASVRISCKASGYSFTSLSMNWVRQAPGQGLEWMGWISTKSGDPTYAQAFTGRFVFSLDTSVNTAY
LQINSLEAGDTAVYYCARGQPPVGWTFDYWGQGTLVTVSS
;
H,A,C,E
2 'polypeptide(L)'
;QSALTQPPSASGSPGQSVTISCTGTSSDVGGYNYVSWYQQHPGKAPKLIIYEVSKRPSGVPDRFSGSKSGNTASLTVSGL
QAEDEADYYCSSYTSSSTLVFGGGTKLTVLG
;
L,B,D,F
#
# COMPACT_ATOMS: atom_id res chain seq x y z
N GLN A 1 30.62 -9.41 4.66
CA GLN A 1 29.17 -9.53 4.67
C GLN A 1 28.48 -9.01 5.94
N VAL A 2 27.48 -8.17 5.75
CA VAL A 2 26.75 -7.54 6.86
C VAL A 2 25.89 -8.52 7.56
N GLN A 3 25.99 -8.55 8.87
CA GLN A 3 25.23 -9.44 9.73
C GLN A 3 24.91 -8.90 11.14
N LEU A 4 23.69 -9.15 11.61
CA LEU A 4 23.15 -8.87 12.93
C LEU A 4 22.67 -10.17 13.58
N VAL A 5 23.34 -10.53 14.64
CA VAL A 5 23.13 -11.71 15.41
C VAL A 5 22.47 -11.36 16.74
N GLN A 6 21.29 -11.86 17.02
CA GLN A 6 20.61 -11.52 18.27
C GLN A 6 20.75 -12.64 19.28
N SER A 7 20.52 -12.30 20.54
CA SER A 7 20.57 -13.28 21.61
C SER A 7 19.31 -14.15 21.58
N GLY A 8 19.33 -15.22 22.38
CA GLY A 8 18.34 -16.28 22.31
C GLY A 8 16.96 -15.98 22.88
N SER A 9 16.07 -16.99 22.73
CA SER A 9 14.70 -16.85 23.20
C SER A 9 14.67 -16.66 24.71
N GLU A 10 13.69 -15.90 25.19
CA GLU A 10 13.55 -15.61 26.61
C GLU A 10 12.15 -15.99 27.09
N LEU A 11 12.08 -16.46 28.33
CA LEU A 11 10.84 -16.77 29.02
C LEU A 11 10.86 -16.05 30.35
N LYS A 12 9.92 -15.12 30.55
CA LYS A 12 9.89 -14.29 31.74
C LYS A 12 8.48 -14.27 32.34
N LYS A 13 8.42 -13.94 33.61
CA LYS A 13 7.21 -13.69 34.37
C LYS A 13 6.82 -12.22 34.29
N PRO A 14 5.55 -11.90 34.49
CA PRO A 14 5.15 -10.49 34.51
C PRO A 14 5.89 -9.75 35.62
N GLY A 15 6.26 -8.50 35.34
CA GLY A 15 7.04 -7.71 36.26
C GLY A 15 8.54 -7.83 36.10
N ALA A 16 9.03 -8.92 35.50
CA ALA A 16 10.47 -9.04 35.33
C ALA A 16 10.96 -8.09 34.23
N SER A 17 12.28 -8.04 34.09
CA SER A 17 12.96 -7.31 33.03
C SER A 17 13.68 -8.30 32.13
N VAL A 18 14.00 -7.87 30.93
CA VAL A 18 14.71 -8.66 29.97
C VAL A 18 15.63 -7.84 29.09
N ARG A 19 16.83 -8.34 28.86
CA ARG A 19 17.79 -7.67 28.01
C ARG A 19 18.17 -8.47 26.80
N ILE A 20 17.93 -7.89 25.63
CA ILE A 20 18.18 -8.51 24.37
C ILE A 20 19.37 -7.80 23.70
N SER A 21 20.26 -8.57 23.04
CA SER A 21 21.46 -8.03 22.42
C SER A 21 21.44 -8.28 20.92
N CYS A 22 22.05 -7.35 20.19
CA CYS A 22 22.14 -7.35 18.74
C CYS A 22 23.58 -7.02 18.38
N LYS A 23 24.34 -8.05 18.00
CA LYS A 23 25.76 -7.88 17.68
C LYS A 23 25.91 -7.69 16.18
N ALA A 24 26.59 -6.61 15.79
CA ALA A 24 26.76 -6.23 14.39
C ALA A 24 28.16 -6.56 13.89
N SER A 25 28.23 -7.16 12.71
CA SER A 25 29.48 -7.43 12.04
C SER A 25 29.32 -7.07 10.57
N GLY A 26 30.44 -6.95 9.88
CA GLY A 26 30.38 -6.66 8.45
C GLY A 26 30.36 -5.21 8.07
N TYR A 27 30.49 -4.28 9.01
CA TYR A 27 30.53 -2.84 8.77
C TYR A 27 30.98 -2.15 10.05
N SER A 28 31.14 -0.83 9.99
CA SER A 28 31.46 -0.07 11.20
C SER A 28 30.16 0.13 11.98
N PHE A 29 30.04 -0.57 13.11
CA PHE A 29 28.85 -0.48 13.96
C PHE A 29 28.46 0.98 14.21
N THR A 30 29.47 1.83 14.46
CA THR A 30 29.20 3.21 14.82
C THR A 30 28.91 4.11 13.62
N SER A 31 28.92 3.59 12.40
CA SER A 31 28.65 4.42 11.23
C SER A 31 27.18 4.48 10.84
N LEU A 32 26.32 3.63 11.42
CA LEU A 32 24.92 3.57 11.03
C LEU A 32 24.02 3.40 12.26
N SER A 33 22.82 3.96 12.17
CA SER A 33 21.85 3.86 13.26
C SER A 33 21.45 2.40 13.48
N MET A 34 20.91 2.12 14.66
CA MET A 34 20.30 0.82 14.93
C MET A 34 18.85 1.08 15.31
N ASN A 35 17.92 0.36 14.70
CA ASN A 35 16.49 0.49 14.96
C ASN A 35 15.98 -0.76 15.63
N TRP A 36 14.84 -0.63 16.30
CA TRP A 36 14.21 -1.77 16.96
C TRP A 36 12.76 -1.89 16.48
N VAL A 37 12.35 -3.12 16.16
CA VAL A 37 11.03 -3.43 15.61
C VAL A 37 10.43 -4.59 16.38
N ARG A 38 9.17 -4.45 16.76
CA ARG A 38 8.42 -5.51 17.43
C ARG A 38 7.41 -6.17 16.49
N GLN A 39 7.19 -7.47 16.68
CA GLN A 39 6.15 -8.20 15.95
C GLN A 39 5.48 -9.18 16.92
N ALA A 40 4.32 -8.80 17.44
CA ALA A 40 3.56 -9.71 18.27
C ALA A 40 3.09 -10.89 17.42
N PRO A 41 2.84 -12.05 18.04
CA PRO A 41 2.53 -13.25 17.24
C PRO A 41 1.31 -13.04 16.36
N GLY A 42 1.51 -13.25 15.06
CA GLY A 42 0.47 -13.13 14.06
C GLY A 42 0.22 -11.72 13.58
N GLN A 43 0.91 -10.73 14.13
CA GLN A 43 0.66 -9.32 13.84
C GLN A 43 1.76 -8.77 12.93
N GLY A 44 1.65 -7.49 12.62
CA GLY A 44 2.57 -6.85 11.70
C GLY A 44 3.78 -6.27 12.40
N LEU A 45 4.66 -5.67 11.61
CA LEU A 45 5.85 -5.02 12.15
C LEU A 45 5.49 -3.66 12.74
N GLU A 46 6.06 -3.36 13.92
CA GLU A 46 5.89 -2.06 14.57
C GLU A 46 7.26 -1.49 14.91
N TRP A 47 7.49 -0.25 14.50
CA TRP A 47 8.77 0.42 14.74
C TRP A 47 8.78 0.93 16.18
N MET A 48 9.77 0.46 16.96
CA MET A 48 9.94 0.85 18.36
C MET A 48 10.78 2.13 18.55
N GLY A 49 11.63 2.48 17.59
CA GLY A 49 12.50 3.64 17.70
C GLY A 49 13.89 3.30 17.21
N TRP A 50 14.85 4.17 17.52
CA TRP A 50 16.22 3.96 17.06
C TRP A 50 17.20 4.48 18.10
N ILE A 51 18.46 4.08 17.96
CA ILE A 51 19.55 4.59 18.78
C ILE A 51 20.67 5.02 17.86
N SER A 52 21.21 6.22 18.12
CA SER A 52 22.35 6.73 17.39
C SER A 52 23.59 6.04 17.94
N THR A 53 24.29 5.30 17.08
CA THR A 53 25.56 4.74 17.48
C THR A 53 26.68 5.75 17.42
N LYS A 54 26.38 6.95 16.88
CA LYS A 54 27.34 8.05 16.85
C LYS A 54 27.51 8.67 18.23
N SER A 55 26.41 8.88 18.93
CA SER A 55 26.42 9.57 20.22
C SER A 55 25.89 8.74 21.38
N GLY A 56 25.17 7.66 21.11
CA GLY A 56 24.45 6.91 22.12
C GLY A 56 23.06 7.41 22.43
N ASP A 57 22.61 8.50 21.80
CA ASP A 57 21.30 9.08 22.12
C ASP A 57 20.18 8.17 21.62
N PRO A 58 19.24 7.72 22.49
CA PRO A 58 18.13 6.89 22.00
C PRO A 58 16.88 7.74 21.70
N THR A 59 16.09 7.35 20.70
CA THR A 59 14.84 8.02 20.34
C THR A 59 13.73 6.96 20.28
N TYR A 60 12.74 7.06 21.16
CA TYR A 60 11.70 6.06 21.28
C TYR A 60 10.45 6.46 20.50
N ALA A 61 9.78 5.47 19.91
CA ALA A 61 8.48 5.70 19.32
C ALA A 61 7.48 6.03 20.43
N GLN A 62 6.42 6.77 20.04
CA GLN A 62 5.39 7.16 21.01
C GLN A 62 4.86 5.97 21.81
N ALA A 63 4.56 4.85 21.14
CA ALA A 63 3.99 3.69 21.79
C ALA A 63 4.98 2.94 22.68
N PHE A 64 6.29 3.22 22.57
CA PHE A 64 7.31 2.48 23.29
C PHE A 64 8.12 3.40 24.21
N THR A 65 7.41 4.31 24.87
CA THR A 65 7.99 5.26 25.80
C THR A 65 7.65 4.85 27.22
N GLY A 66 8.67 4.71 28.07
CA GLY A 66 8.41 4.35 29.45
C GLY A 66 9.17 3.14 29.96
N ARG A 67 8.85 1.95 29.42
CA ARG A 67 9.41 0.69 29.89
C ARG A 67 10.53 0.16 29.02
N PHE A 68 10.87 0.82 27.93
CA PHE A 68 11.84 0.28 26.98
C PHE A 68 13.08 1.16 26.94
N VAL A 69 14.25 0.52 26.97
CA VAL A 69 15.54 1.23 27.06
C VAL A 69 16.47 0.70 25.99
N PHE A 70 16.88 1.57 25.07
CA PHE A 70 17.92 1.26 24.08
C PHE A 70 19.28 1.67 24.61
N SER A 71 20.26 0.76 24.54
CA SER A 71 21.62 1.08 24.97
C SER A 71 22.64 0.49 23.99
N LEU A 72 23.93 0.78 24.23
CA LEU A 72 25.01 0.36 23.36
C LEU A 72 26.22 -0.07 24.16
N ASP A 73 26.96 -1.05 23.61
CA ASP A 73 28.38 -1.24 23.90
C ASP A 73 29.08 -1.30 22.55
N THR A 74 29.56 -0.14 22.10
CA THR A 74 30.25 -0.07 20.83
C THR A 74 31.54 -0.88 20.82
N SER A 75 32.14 -1.13 21.99
CA SER A 75 33.42 -1.85 22.01
C SER A 75 33.26 -3.32 21.61
N VAL A 76 32.07 -3.90 21.77
CA VAL A 76 31.75 -5.22 21.22
C VAL A 76 30.69 -5.11 20.11
N ASN A 77 30.53 -3.91 19.54
CA ASN A 77 29.67 -3.69 18.38
C ASN A 77 28.24 -4.20 18.62
N THR A 78 27.73 -3.97 19.82
CA THR A 78 26.48 -4.56 20.26
C THR A 78 25.50 -3.48 20.71
N ALA A 79 24.26 -3.56 20.23
CA ALA A 79 23.15 -2.74 20.70
C ALA A 79 22.23 -3.58 21.58
N TYR A 80 21.69 -3.00 22.64
CA TYR A 80 20.82 -3.72 23.54
C TYR A 80 19.45 -3.05 23.63
N LEU A 81 18.43 -3.88 23.86
CA LEU A 81 17.08 -3.44 24.16
C LEU A 81 16.66 -4.10 25.46
N GLN A 82 16.28 -3.30 26.46
CA GLN A 82 15.80 -3.86 27.70
C GLN A 82 14.35 -3.45 27.87
N ILE A 83 13.52 -4.42 28.22
CA ILE A 83 12.10 -4.21 28.52
C ILE A 83 11.90 -4.43 30.01
N ASN A 84 11.37 -3.42 30.68
CA ASN A 84 11.08 -3.42 32.10
C ASN A 84 9.59 -3.60 32.35
N SER A 85 9.25 -4.09 33.55
CA SER A 85 7.86 -4.33 33.96
C SER A 85 7.12 -5.13 32.90
N LEU A 86 7.67 -6.30 32.58
CA LEU A 86 7.12 -7.11 31.51
C LEU A 86 5.67 -7.48 31.81
N GLU A 87 4.85 -7.45 30.77
CA GLU A 87 3.44 -7.82 30.86
C GLU A 87 3.13 -8.77 29.72
N ALA A 88 1.94 -9.39 29.79
CA ALA A 88 1.55 -10.41 28.83
C ALA A 88 1.64 -9.89 27.40
N GLY A 89 1.21 -8.66 27.17
CA GLY A 89 1.24 -8.02 25.85
C GLY A 89 2.64 -7.83 25.27
N ASP A 90 3.70 -8.09 26.05
CA ASP A 90 5.06 -7.98 25.52
C ASP A 90 5.51 -9.24 24.77
N THR A 91 4.79 -10.35 24.92
CA THR A 91 5.15 -11.56 24.19
C THR A 91 5.19 -11.28 22.71
N ALA A 92 6.38 -11.42 22.10
CA ALA A 92 6.56 -11.01 20.71
C ALA A 92 7.96 -11.38 20.25
N VAL A 93 8.21 -11.20 18.95
CA VAL A 93 9.55 -11.28 18.41
C VAL A 93 10.08 -9.87 18.26
N TYR A 94 11.30 -9.64 18.73
CA TYR A 94 11.93 -8.33 18.63
C TYR A 94 13.12 -8.43 17.69
N TYR A 95 13.16 -7.52 16.72
CA TYR A 95 14.22 -7.46 15.72
C TYR A 95 15.02 -6.18 15.93
N CYS A 96 16.33 -6.27 15.73
CA CYS A 96 17.14 -5.10 15.46
C CYS A 96 17.32 -5.01 13.96
N ALA A 97 17.41 -3.77 13.48
CA ALA A 97 17.48 -3.54 12.03
C ALA A 97 18.34 -2.32 11.79
N ARG A 98 19.32 -2.46 10.90
CA ARG A 98 20.28 -1.41 10.62
C ARG A 98 19.68 -0.36 9.71
N GLY A 99 19.96 0.91 10.00
CA GLY A 99 19.52 1.98 9.13
C GLY A 99 20.41 2.13 7.90
N GLN A 100 19.85 1.86 6.71
CA GLN A 100 20.62 1.91 5.49
C GLN A 100 21.07 3.34 5.21
N PRO A 101 22.33 3.56 4.81
CA PRO A 101 22.78 4.90 4.50
C PRO A 101 22.11 5.43 3.25
N PRO A 102 21.95 6.77 3.11
CA PRO A 102 22.54 7.76 4.02
C PRO A 102 21.65 8.27 5.17
N VAL A 103 20.32 8.15 5.08
CA VAL A 103 19.44 8.72 6.11
C VAL A 103 18.82 7.67 7.02
N GLY A 104 18.94 6.38 6.71
CA GLY A 104 18.51 5.35 7.65
C GLY A 104 17.02 5.16 7.83
N TRP A 105 16.21 5.50 6.84
CA TRP A 105 14.78 5.20 6.91
C TRP A 105 14.43 3.94 6.13
N THR A 106 15.43 3.26 5.62
CA THR A 106 15.32 1.94 5.04
C THR A 106 16.14 1.00 5.91
N PHE A 107 15.62 -0.19 6.15
CA PHE A 107 16.33 -1.18 6.96
C PHE A 107 16.86 -2.24 6.00
N ASP A 108 18.16 -2.19 5.73
CA ASP A 108 18.75 -3.07 4.73
C ASP A 108 19.20 -4.41 5.31
N TYR A 109 19.54 -4.47 6.59
CA TYR A 109 19.85 -5.72 7.23
C TYR A 109 19.14 -5.80 8.57
N TRP A 110 18.61 -6.98 8.88
CA TRP A 110 17.81 -7.23 10.08
C TRP A 110 18.45 -8.35 10.89
N GLY A 111 18.42 -8.23 12.22
CA GLY A 111 18.74 -9.37 13.06
C GLY A 111 17.72 -10.49 12.89
N GLN A 112 18.10 -11.69 13.32
CA GLN A 112 17.20 -12.84 13.14
C GLN A 112 16.01 -12.81 14.09
N GLY A 113 15.98 -11.89 15.05
CA GLY A 113 14.83 -11.82 15.93
C GLY A 113 15.02 -12.62 17.21
N THR A 114 14.44 -12.11 18.28
CA THR A 114 14.48 -12.75 19.59
C THR A 114 13.05 -12.85 20.09
N LEU A 115 12.60 -14.08 20.34
CA LEU A 115 11.29 -14.28 20.93
C LEU A 115 11.35 -14.03 22.43
N VAL A 116 10.40 -13.25 22.93
CA VAL A 116 10.19 -13.06 24.35
C VAL A 116 8.78 -13.54 24.67
N THR A 117 8.68 -14.53 25.55
CA THR A 117 7.41 -15.04 26.02
C THR A 117 7.24 -14.63 27.47
N VAL A 118 6.17 -13.88 27.74
CA VAL A 118 5.81 -13.50 29.09
C VAL A 118 4.66 -14.39 29.54
N SER A 119 4.90 -15.17 30.58
CA SER A 119 3.94 -16.19 31.02
C SER A 119 2.72 -15.58 31.71
N GLN B 1 -5.19 -1.29 11.70
CA GLN B 1 -5.09 -0.04 12.44
C GLN B 1 -3.68 0.55 12.30
N SER B 2 -2.86 -0.07 11.46
CA SER B 2 -1.55 0.49 11.14
C SER B 2 -1.71 1.74 10.28
N ALA B 3 -0.63 2.53 10.21
CA ALA B 3 -0.71 3.80 9.50
C ALA B 3 -0.82 3.62 8.00
N LEU B 4 -0.21 2.55 7.46
CA LEU B 4 -0.25 2.26 6.04
C LEU B 4 -1.19 1.09 5.77
N THR B 5 -1.97 1.19 4.71
CA THR B 5 -3.00 0.21 4.39
C THR B 5 -2.54 -0.70 3.24
N GLN B 6 -2.50 -1.99 3.52
CA GLN B 6 -2.20 -3.04 2.57
C GLN B 6 -3.35 -4.01 2.51
N PRO B 7 -3.59 -4.66 1.37
CA PRO B 7 -4.56 -5.75 1.33
C PRO B 7 -4.09 -6.90 2.18
N PRO B 8 -5.00 -7.60 2.87
CA PRO B 8 -4.56 -8.72 3.71
C PRO B 8 -3.93 -9.86 2.93
N SER B 9 -4.33 -10.10 1.68
CA SER B 9 -3.79 -11.23 0.95
C SER B 9 -3.79 -10.94 -0.55
N ALA B 10 -2.99 -11.71 -1.27
CA ALA B 10 -2.91 -11.69 -2.71
C ALA B 10 -2.47 -13.07 -3.19
N SER B 11 -2.86 -13.44 -4.41
CA SER B 11 -2.55 -14.77 -4.90
C SER B 11 -2.22 -14.75 -6.38
N GLY B 12 -1.41 -15.72 -6.81
CA GLY B 12 -1.10 -15.88 -8.21
C GLY B 12 -0.54 -17.25 -8.49
N SER B 13 -0.58 -17.62 -9.76
CA SER B 13 0.02 -18.86 -10.19
C SER B 13 1.45 -18.60 -10.67
N PRO B 14 2.32 -19.62 -10.68
CA PRO B 14 3.71 -19.38 -11.08
C PRO B 14 3.80 -18.82 -12.49
N GLY B 15 4.66 -17.80 -12.66
CA GLY B 15 4.81 -17.10 -13.92
C GLY B 15 3.92 -15.87 -14.08
N GLN B 16 2.87 -15.74 -13.27
CA GLN B 16 2.00 -14.58 -13.34
C GLN B 16 2.62 -13.40 -12.59
N SER B 17 1.95 -12.25 -12.70
CA SER B 17 2.36 -11.02 -12.00
C SER B 17 1.28 -10.64 -11.00
N VAL B 18 1.71 -10.23 -9.80
CA VAL B 18 0.79 -9.76 -8.77
C VAL B 18 1.29 -8.41 -8.27
N THR B 19 0.36 -7.50 -8.00
CA THR B 19 0.66 -6.19 -7.45
C THR B 19 0.04 -6.05 -6.08
N ILE B 20 0.83 -5.55 -5.12
CA ILE B 20 0.39 -5.30 -3.77
C ILE B 20 0.45 -3.79 -3.55
N SER B 21 -0.63 -3.22 -3.06
CA SER B 21 -0.73 -1.78 -2.84
C SER B 21 -0.46 -1.44 -1.38
N CYS B 22 -0.13 -0.16 -1.17
CA CYS B 22 0.27 0.34 0.15
C CYS B 22 -0.13 1.80 0.18
N THR B 23 -1.23 2.10 0.85
CA THR B 23 -1.83 3.42 0.81
C THR B 23 -1.52 4.13 2.12
N GLY B 24 -0.93 5.31 2.02
CA GLY B 24 -0.66 6.13 3.19
C GLY B 24 -1.32 7.49 3.06
N THR B 25 -0.62 8.53 3.52
CA THR B 25 -1.08 9.90 3.46
C THR B 25 0.02 10.80 2.90
N SER B 26 -0.35 12.05 2.62
CA SER B 26 0.63 13.05 2.18
C SER B 26 1.73 13.27 3.20
N SER B 27 1.51 12.87 4.45
CA SER B 27 2.50 12.99 5.53
C SER B 27 3.55 11.89 5.53
N ASP B 28 3.36 10.83 4.75
CA ASP B 28 4.32 9.72 4.72
C ASP B 28 4.57 9.23 3.30
N VAL B 29 3.77 8.26 2.84
CA VAL B 29 3.95 7.67 1.50
C VAL B 29 3.97 8.72 0.40
N GLY B 30 3.04 9.68 0.45
CA GLY B 30 2.97 10.65 -0.62
C GLY B 30 3.96 11.80 -0.51
N GLY B 31 4.39 12.13 0.70
CA GLY B 31 5.17 13.33 0.91
C GLY B 31 6.66 13.15 0.77
N TYR B 32 7.13 11.90 0.73
CA TYR B 32 8.55 11.56 0.65
C TYR B 32 8.68 10.36 -0.28
N ASN B 33 9.92 10.09 -0.70
CA ASN B 33 10.20 8.91 -1.51
C ASN B 33 10.96 7.83 -0.74
N TYR B 34 10.76 7.77 0.57
CA TYR B 34 11.40 6.73 1.39
C TYR B 34 10.40 5.63 1.74
N VAL B 35 9.89 5.01 0.68
CA VAL B 35 9.01 3.85 0.79
C VAL B 35 9.82 2.59 0.54
N SER B 36 9.71 1.64 1.44
CA SER B 36 10.43 0.39 1.36
C SER B 36 9.44 -0.77 1.36
N TRP B 37 9.90 -1.90 0.81
CA TRP B 37 9.18 -3.16 0.81
C TRP B 37 10.11 -4.25 1.32
N TYR B 38 9.59 -5.04 2.26
CA TYR B 38 10.29 -6.15 2.90
C TYR B 38 9.50 -7.43 2.68
N GLN B 39 10.23 -8.50 2.39
CA GLN B 39 9.68 -9.85 2.28
C GLN B 39 10.03 -10.64 3.53
N GLN B 40 9.01 -11.27 4.13
CA GLN B 40 9.17 -12.05 5.36
C GLN B 40 8.58 -13.43 5.14
N HIS B 41 9.42 -14.42 5.13
CA HIS B 41 8.90 -15.76 5.31
C HIS B 41 8.61 -15.95 6.78
N PRO B 42 7.43 -16.45 7.14
CA PRO B 42 7.06 -16.55 8.56
C PRO B 42 8.12 -17.27 9.36
N GLY B 43 8.39 -16.77 10.56
CA GLY B 43 9.43 -17.30 11.42
C GLY B 43 10.83 -16.93 11.02
N LYS B 44 11.02 -16.15 9.97
CA LYS B 44 12.32 -15.64 9.59
C LYS B 44 12.31 -14.12 9.57
N ALA B 45 13.51 -13.55 9.49
CA ALA B 45 13.65 -12.10 9.50
C ALA B 45 13.15 -11.48 8.20
N PRO B 46 12.55 -10.30 8.26
CA PRO B 46 12.23 -9.58 7.02
C PRO B 46 13.49 -9.34 6.19
N LYS B 47 13.31 -9.38 4.87
CA LYS B 47 14.38 -9.12 3.93
C LYS B 47 14.00 -7.94 3.06
N LEU B 48 14.91 -6.97 2.93
CA LEU B 48 14.65 -5.81 2.10
C LEU B 48 14.58 -6.19 0.63
N ILE B 49 13.52 -5.75 -0.03
CA ILE B 49 13.26 -6.05 -1.43
C ILE B 49 13.27 -4.79 -2.29
N ILE B 50 12.65 -3.72 -1.81
CA ILE B 50 12.59 -2.48 -2.57
C ILE B 50 12.85 -1.35 -1.58
N TYR B 51 13.61 -0.34 -2.00
CA TYR B 51 13.78 0.84 -1.17
C TYR B 51 13.71 2.08 -2.04
N GLU B 52 13.36 3.20 -1.40
CA GLU B 52 13.18 4.47 -2.10
C GLU B 52 12.24 4.31 -3.31
N VAL B 53 11.09 3.69 -3.03
CA VAL B 53 10.00 3.48 -3.97
C VAL B 53 10.33 2.43 -5.02
N SER B 54 11.45 2.59 -5.72
CA SER B 54 11.71 1.76 -6.89
C SER B 54 13.10 1.12 -6.97
N LYS B 55 14.00 1.39 -6.02
CA LYS B 55 15.34 0.83 -6.08
C LYS B 55 15.39 -0.59 -5.51
N ARG B 56 16.18 -1.45 -6.15
CA ARG B 56 16.34 -2.81 -5.68
C ARG B 56 17.71 -3.00 -5.08
N PRO B 57 17.83 -3.63 -3.92
CA PRO B 57 19.17 -3.98 -3.43
C PRO B 57 19.81 -5.04 -4.32
N SER B 58 21.14 -5.05 -4.33
CA SER B 58 21.88 -6.02 -5.12
C SER B 58 21.58 -7.43 -4.63
N GLY B 59 21.31 -8.33 -5.58
CA GLY B 59 20.93 -9.68 -5.24
C GLY B 59 19.44 -9.91 -5.28
N VAL B 60 18.63 -8.87 -5.41
CA VAL B 60 17.19 -9.00 -5.55
C VAL B 60 16.87 -9.04 -7.05
N PRO B 61 16.23 -10.09 -7.54
CA PRO B 61 15.98 -10.20 -8.99
C PRO B 61 15.10 -9.07 -9.49
N ASP B 62 15.24 -8.77 -10.78
CA ASP B 62 14.48 -7.72 -11.45
C ASP B 62 13.01 -8.06 -11.66
N ARG B 63 12.55 -9.24 -11.24
CA ARG B 63 11.11 -9.54 -11.23
C ARG B 63 10.37 -8.67 -10.23
N PHE B 64 11.04 -8.27 -9.15
CA PHE B 64 10.47 -7.38 -8.15
C PHE B 64 10.65 -5.94 -8.61
N SER B 65 9.57 -5.16 -8.58
CA SER B 65 9.64 -3.76 -8.96
C SER B 65 8.71 -2.96 -8.07
N GLY B 66 8.92 -1.65 -8.05
CA GLY B 66 8.14 -0.76 -7.20
C GLY B 66 7.81 0.52 -7.92
N SER B 67 6.64 1.06 -7.60
CA SER B 67 6.20 2.33 -8.16
C SER B 67 5.32 3.04 -7.13
N LYS B 68 4.91 4.26 -7.46
CA LYS B 68 4.06 5.02 -6.57
C LYS B 68 3.21 5.98 -7.39
N SER B 69 2.00 6.22 -6.92
CA SER B 69 1.08 7.15 -7.54
C SER B 69 0.30 7.83 -6.43
N GLY B 70 0.45 9.15 -6.34
CA GLY B 70 -0.19 9.89 -5.27
C GLY B 70 0.24 9.34 -3.94
N ASN B 71 -0.74 9.04 -3.09
CA ASN B 71 -0.49 8.52 -1.74
C ASN B 71 -0.46 6.99 -1.68
N THR B 72 -0.32 6.31 -2.83
CA THR B 72 -0.32 4.85 -2.87
C THR B 72 0.97 4.34 -3.53
N ALA B 73 1.72 3.52 -2.82
CA ALA B 73 2.84 2.81 -3.40
C ALA B 73 2.40 1.41 -3.80
N SER B 74 3.17 0.78 -4.69
CA SER B 74 2.87 -0.54 -5.22
C SER B 74 4.15 -1.34 -5.40
N LEU B 75 4.10 -2.60 -4.97
CA LEU B 75 5.13 -3.60 -5.25
C LEU B 75 4.57 -4.62 -6.23
N THR B 76 5.30 -4.87 -7.31
CA THR B 76 4.90 -5.85 -8.31
C THR B 76 5.91 -6.98 -8.34
N VAL B 77 5.40 -8.21 -8.30
CA VAL B 77 6.21 -9.41 -8.41
C VAL B 77 5.76 -10.10 -9.69
N SER B 78 6.61 -10.07 -10.71
CA SER B 78 6.34 -10.76 -11.97
C SER B 78 7.08 -12.09 -11.99
N GLY B 79 6.75 -12.91 -12.98
CA GLY B 79 7.33 -14.24 -13.08
C GLY B 79 7.29 -14.98 -11.76
N LEU B 80 6.12 -14.99 -11.13
CA LEU B 80 5.95 -15.54 -9.78
C LEU B 80 6.56 -16.93 -9.64
N GLN B 81 7.34 -17.11 -8.57
CA GLN B 81 7.88 -18.41 -8.20
C GLN B 81 7.36 -18.83 -6.84
N ALA B 82 7.43 -20.13 -6.56
CA ALA B 82 6.90 -20.66 -5.31
C ALA B 82 7.59 -20.04 -4.09
N GLU B 83 8.87 -19.70 -4.21
CA GLU B 83 9.53 -19.13 -3.05
C GLU B 83 9.14 -17.67 -2.78
N ASP B 84 8.39 -17.04 -3.67
CA ASP B 84 7.87 -15.70 -3.40
C ASP B 84 6.73 -15.71 -2.39
N GLU B 85 6.14 -16.86 -2.14
CA GLU B 85 5.06 -16.98 -1.15
C GLU B 85 5.56 -16.55 0.21
N ALA B 86 4.99 -15.48 0.76
CA ALA B 86 5.50 -14.88 1.99
C ALA B 86 4.62 -13.72 2.40
N ASP B 87 4.94 -13.05 3.50
CA ASP B 87 4.29 -11.82 3.90
C ASP B 87 5.12 -10.64 3.39
N TYR B 88 4.46 -9.64 2.84
CA TYR B 88 5.13 -8.47 2.31
C TYR B 88 4.64 -7.25 3.07
N TYR B 89 5.60 -6.48 3.58
CA TYR B 89 5.32 -5.28 4.36
C TYR B 89 5.89 -4.06 3.65
N CYS B 90 5.10 -3.00 3.55
CA CYS B 90 5.63 -1.70 3.17
C CYS B 90 5.93 -0.88 4.42
N SER B 91 6.79 0.12 4.22
CA SER B 91 7.16 1.05 5.29
C SER B 91 7.44 2.41 4.66
N SER B 92 7.33 3.44 5.49
CA SER B 92 7.57 4.79 5.02
C SER B 92 8.08 5.67 6.16
N TYR B 93 8.95 6.60 5.80
CA TYR B 93 9.27 7.74 6.63
C TYR B 93 8.05 8.63 6.75
N THR B 94 7.93 9.32 7.88
CA THR B 94 6.84 10.24 8.12
C THR B 94 7.38 11.64 8.41
N SER B 95 6.52 12.63 8.23
CA SER B 95 6.87 14.01 8.54
C SER B 95 7.17 14.23 10.02
N SER B 96 6.86 13.27 10.88
CA SER B 96 7.19 13.34 12.29
C SER B 96 8.55 12.73 12.62
N SER B 97 9.36 12.43 11.59
CA SER B 97 10.64 11.73 11.78
C SER B 97 10.45 10.39 12.47
N THR B 98 9.47 9.62 12.02
CA THR B 98 9.26 8.25 12.45
C THR B 98 9.16 7.38 11.21
N LEU B 99 9.15 6.07 11.45
CA LEU B 99 8.93 5.08 10.40
C LEU B 99 7.67 4.30 10.73
N VAL B 100 6.78 4.16 9.75
CA VAL B 100 5.55 3.41 9.92
C VAL B 100 5.54 2.25 8.94
N PHE B 101 4.89 1.16 9.35
CA PHE B 101 4.74 -0.04 8.54
C PHE B 101 3.31 -0.19 8.06
N GLY B 102 3.15 -0.93 6.95
CA GLY B 102 1.83 -1.41 6.60
C GLY B 102 1.47 -2.67 7.37
N GLY B 103 0.19 -3.03 7.32
CA GLY B 103 -0.25 -4.20 8.07
C GLY B 103 0.21 -5.52 7.47
N GLY B 104 0.77 -5.50 6.27
CA GLY B 104 1.26 -6.74 5.69
C GLY B 104 0.23 -7.40 4.78
N THR B 105 0.75 -8.10 3.77
CA THR B 105 -0.05 -8.81 2.78
C THR B 105 0.49 -10.22 2.65
N LYS B 106 -0.36 -11.21 2.85
CA LYS B 106 0.06 -12.59 2.61
C LYS B 106 -0.03 -12.88 1.11
N LEU B 107 1.11 -13.19 0.49
CA LEU B 107 1.14 -13.56 -0.91
C LEU B 107 1.26 -15.08 -1.01
N THR B 108 0.25 -15.69 -1.63
CA THR B 108 0.19 -17.14 -1.90
C THR B 108 0.43 -17.42 -3.37
N VAL B 109 1.32 -18.36 -3.64
CA VAL B 109 1.59 -18.82 -5.00
C VAL B 109 0.92 -20.18 -5.17
N LEU B 110 -0.01 -20.25 -6.11
CA LEU B 110 -0.82 -21.45 -6.32
C LEU B 110 0.04 -22.60 -6.83
N GLN C 1 -1.55 -4.72 -12.63
CA GLN C 1 -2.73 -4.99 -13.45
C GLN C 1 -3.63 -3.76 -13.31
N VAL C 2 -4.01 -3.17 -14.44
CA VAL C 2 -4.74 -1.92 -14.42
C VAL C 2 -6.19 -2.19 -14.06
N GLN C 3 -6.73 -1.39 -13.13
CA GLN C 3 -8.10 -1.60 -12.66
C GLN C 3 -8.74 -0.25 -12.36
N LEU C 4 -9.95 -0.06 -12.87
CA LEU C 4 -10.77 1.10 -12.55
C LEU C 4 -11.98 0.60 -11.76
N VAL C 5 -12.12 1.08 -10.53
CA VAL C 5 -13.20 0.66 -9.64
C VAL C 5 -14.06 1.86 -9.35
N GLN C 6 -15.34 1.77 -9.70
CA GLN C 6 -16.30 2.85 -9.53
C GLN C 6 -17.13 2.61 -8.28
N SER C 7 -17.78 3.67 -7.82
CA SER C 7 -18.63 3.59 -6.64
C SER C 7 -19.97 2.94 -6.99
N GLY C 8 -20.74 2.64 -5.94
CA GLY C 8 -21.95 1.84 -6.01
C GLY C 8 -23.17 2.53 -6.62
N SER C 9 -24.26 1.75 -6.73
CA SER C 9 -25.50 2.20 -7.34
C SER C 9 -26.08 3.38 -6.56
N GLU C 10 -26.75 4.27 -7.28
CA GLU C 10 -27.34 5.45 -6.67
C GLU C 10 -28.82 5.55 -7.02
N LEU C 11 -29.59 6.05 -6.05
CA LEU C 11 -31.01 6.33 -6.23
C LEU C 11 -31.27 7.75 -5.77
N LYS C 12 -31.75 8.60 -6.67
CA LYS C 12 -31.91 10.02 -6.36
C LYS C 12 -33.27 10.53 -6.81
N LYS C 13 -33.70 11.60 -6.21
CA LYS C 13 -34.90 12.31 -6.59
C LYS C 13 -34.53 13.26 -7.74
N PRO C 14 -35.50 13.63 -8.60
CA PRO C 14 -35.27 14.64 -9.64
C PRO C 14 -34.89 15.96 -9.00
N GLY C 15 -33.96 16.67 -9.64
CA GLY C 15 -33.45 17.91 -9.10
C GLY C 15 -32.22 17.76 -8.20
N ALA C 16 -32.02 16.58 -7.61
CA ALA C 16 -30.87 16.33 -6.77
C ALA C 16 -29.58 16.19 -7.60
N SER C 17 -28.46 16.11 -6.90
CA SER C 17 -27.14 15.91 -7.50
C SER C 17 -26.57 14.57 -7.08
N VAL C 18 -25.59 14.10 -7.83
CA VAL C 18 -24.95 12.84 -7.52
C VAL C 18 -23.50 12.93 -7.96
N ARG C 19 -22.61 12.32 -7.18
CA ARG C 19 -21.20 12.28 -7.49
C ARG C 19 -20.73 10.84 -7.50
N ILE C 20 -20.04 10.46 -8.57
CA ILE C 20 -19.57 9.10 -8.81
C ILE C 20 -18.05 9.13 -8.84
N SER C 21 -17.43 8.14 -8.23
CA SER C 21 -15.97 8.09 -8.14
C SER C 21 -15.44 6.92 -8.95
N CYS C 22 -14.28 7.11 -9.55
CA CYS C 22 -13.59 6.14 -10.40
C CYS C 22 -12.14 6.13 -9.94
N LYS C 23 -11.76 5.08 -9.19
CA LYS C 23 -10.42 4.97 -8.67
C LYS C 23 -9.59 4.13 -9.64
N ALA C 24 -8.48 4.69 -10.10
CA ALA C 24 -7.60 4.03 -11.07
C ALA C 24 -6.37 3.49 -10.35
N SER C 25 -6.08 2.21 -10.52
CA SER C 25 -4.93 1.59 -9.89
C SER C 25 -4.19 0.72 -10.90
N GLY C 26 -2.96 0.36 -10.54
CA GLY C 26 -2.10 -0.45 -11.38
C GLY C 26 -1.22 0.32 -12.33
N TYR C 27 -1.22 1.65 -12.25
CA TYR C 27 -0.42 2.49 -13.14
C TYR C 27 -0.36 3.89 -12.56
N SER C 28 0.40 4.76 -13.22
CA SER C 28 0.53 6.16 -12.79
C SER C 28 -0.69 6.94 -13.25
N PHE C 29 -1.55 7.32 -12.29
CA PHE C 29 -2.82 7.95 -12.64
C PHE C 29 -2.65 9.13 -13.59
N THR C 30 -1.67 10.00 -13.34
CA THR C 30 -1.52 11.23 -14.12
C THR C 30 -0.84 11.03 -15.47
N SER C 31 -0.52 9.79 -15.84
CA SER C 31 0.14 9.56 -17.11
C SER C 31 -0.85 9.43 -18.27
N LEU C 32 -2.14 9.25 -18.00
CA LEU C 32 -3.12 9.03 -19.05
C LEU C 32 -4.43 9.76 -18.71
N SER C 33 -5.12 10.19 -19.75
CA SER C 33 -6.41 10.88 -19.64
C SER C 33 -7.50 9.95 -19.13
N MET C 34 -8.58 10.52 -18.62
CA MET C 34 -9.75 9.75 -18.20
C MET C 34 -10.98 10.23 -18.95
N ASN C 35 -11.78 9.31 -19.49
CA ASN C 35 -12.99 9.60 -20.26
C ASN C 35 -14.22 9.14 -19.51
N TRP C 36 -15.38 9.69 -19.88
CA TRP C 36 -16.64 9.27 -19.29
C TRP C 36 -17.63 8.89 -20.39
N VAL C 37 -18.34 7.77 -20.21
CA VAL C 37 -19.26 7.22 -21.21
C VAL C 37 -20.57 6.88 -20.51
N ARG C 38 -21.70 7.26 -21.12
CA ARG C 38 -23.02 6.93 -20.59
C ARG C 38 -23.68 5.84 -21.41
N GLN C 39 -24.46 4.99 -20.74
CA GLN C 39 -25.28 3.99 -21.43
C GLN C 39 -26.64 3.95 -20.71
N ALA C 40 -27.62 4.61 -21.31
CA ALA C 40 -29.00 4.57 -20.83
C ALA C 40 -29.55 3.15 -21.00
N PRO C 41 -30.56 2.78 -20.20
CA PRO C 41 -31.00 1.38 -20.18
C PRO C 41 -31.44 0.91 -21.56
N GLY C 42 -30.79 -0.15 -22.04
CA GLY C 42 -31.15 -0.73 -23.33
C GLY C 42 -30.54 -0.04 -24.52
N GLN C 43 -29.79 1.03 -24.31
CA GLN C 43 -29.25 1.85 -25.39
C GLN C 43 -27.75 1.61 -25.54
N GLY C 44 -27.14 2.38 -26.45
CA GLY C 44 -25.73 2.23 -26.76
C GLY C 44 -24.84 3.16 -25.96
N LEU C 45 -23.53 3.06 -26.22
CA LEU C 45 -22.55 3.90 -25.53
C LEU C 45 -22.59 5.32 -26.08
N GLU C 46 -22.49 6.31 -25.19
CA GLU C 46 -22.42 7.72 -25.54
C GLU C 46 -21.22 8.33 -24.84
N TRP C 47 -20.38 9.04 -25.61
CA TRP C 47 -19.20 9.67 -25.06
C TRP C 47 -19.58 10.95 -24.35
N MET C 48 -19.29 11.04 -23.06
CA MET C 48 -19.58 12.25 -22.31
C MET C 48 -18.47 13.28 -22.38
N GLY C 49 -17.23 12.88 -22.63
CA GLY C 49 -16.10 13.77 -22.68
C GLY C 49 -14.89 13.15 -22.00
N TRP C 50 -13.90 14.01 -21.72
CA TRP C 50 -12.64 13.57 -21.10
C TRP C 50 -12.12 14.66 -20.17
N ILE C 51 -11.22 14.24 -19.28
CA ILE C 51 -10.54 15.13 -18.35
C ILE C 51 -9.05 14.81 -18.36
N SER C 52 -8.24 15.86 -18.45
CA SER C 52 -6.79 15.75 -18.44
C SER C 52 -6.30 15.53 -17.02
N THR C 53 -5.63 14.41 -16.78
CA THR C 53 -5.04 14.24 -15.46
C THR C 53 -3.76 15.05 -15.30
N LYS C 54 -3.30 15.71 -16.37
CA LYS C 54 -2.14 16.61 -16.31
C LYS C 54 -2.50 17.93 -15.63
N SER C 55 -3.63 18.53 -16.01
CA SER C 55 -4.05 19.83 -15.50
C SER C 55 -5.41 19.81 -14.81
N GLY C 56 -6.21 18.77 -15.01
CA GLY C 56 -7.56 18.75 -14.50
C GLY C 56 -8.58 19.39 -15.40
N ASP C 57 -8.18 19.92 -16.55
CA ASP C 57 -9.11 20.61 -17.45
C ASP C 57 -10.09 19.61 -18.05
N PRO C 58 -11.39 19.85 -17.93
CA PRO C 58 -12.38 18.98 -18.57
C PRO C 58 -12.83 19.49 -19.93
N THR C 59 -13.18 18.54 -20.79
CA THR C 59 -13.74 18.79 -22.11
C THR C 59 -15.00 17.94 -22.21
N TYR C 60 -16.15 18.59 -22.34
CA TYR C 60 -17.45 17.92 -22.36
C TYR C 60 -17.97 17.76 -23.79
N ALA C 61 -18.60 16.63 -24.07
CA ALA C 61 -19.31 16.44 -25.32
C ALA C 61 -20.50 17.41 -25.41
N GLN C 62 -20.91 17.70 -26.65
CA GLN C 62 -22.01 18.65 -26.89
C GLN C 62 -23.23 18.34 -26.02
N ALA C 63 -23.63 17.07 -25.98
CA ALA C 63 -24.85 16.68 -25.28
C ALA C 63 -24.71 16.75 -23.76
N PHE C 64 -23.51 16.91 -23.22
CA PHE C 64 -23.29 16.86 -21.78
C PHE C 64 -22.67 18.15 -21.25
N THR C 65 -23.14 19.28 -21.78
CA THR C 65 -22.68 20.61 -21.40
C THR C 65 -23.71 21.25 -20.48
N GLY C 66 -23.28 21.71 -19.31
CA GLY C 66 -24.21 22.34 -18.39
C GLY C 66 -24.30 21.73 -17.00
N ARG C 67 -24.80 20.51 -16.89
CA ARG C 67 -25.04 19.88 -15.60
C ARG C 67 -23.97 18.86 -15.19
N PHE C 68 -22.96 18.63 -16.02
CA PHE C 68 -21.99 17.57 -15.75
C PHE C 68 -20.63 18.17 -15.43
N VAL C 69 -20.00 17.66 -14.38
CA VAL C 69 -18.72 18.17 -13.88
C VAL C 69 -17.77 17.00 -13.72
N PHE C 70 -16.66 17.03 -14.46
CA PHE C 70 -15.56 16.09 -14.25
C PHE C 70 -14.54 16.73 -13.31
N SER C 71 -14.12 16.02 -12.28
CA SER C 71 -13.10 16.53 -11.37
C SER C 71 -12.11 15.42 -11.06
N LEU C 72 -11.10 15.75 -10.26
CA LEU C 72 -10.03 14.82 -9.89
C LEU C 72 -9.63 15.03 -8.44
N ASP C 73 -9.21 13.94 -7.80
CA ASP C 73 -8.30 13.97 -6.66
C ASP C 73 -7.16 13.03 -7.04
N THR C 74 -6.13 13.62 -7.63
CA THR C 74 -4.99 12.85 -8.10
C THR C 74 -4.27 12.15 -6.95
N SER C 75 -4.33 12.70 -5.75
CA SER C 75 -3.60 12.14 -4.62
C SER C 75 -4.14 10.78 -4.17
N VAL C 76 -5.42 10.50 -4.45
CA VAL C 76 -5.98 9.17 -4.25
C VAL C 76 -6.34 8.53 -5.59
N ASN C 77 -5.70 8.99 -6.66
CA ASN C 77 -5.79 8.40 -8.00
C ASN C 77 -7.23 8.24 -8.46
N THR C 78 -8.06 9.27 -8.20
CA THR C 78 -9.49 9.13 -8.44
C THR C 78 -10.02 10.28 -9.31
N ALA C 79 -10.85 9.92 -10.29
CA ALA C 79 -11.63 10.86 -11.09
C ALA C 79 -13.09 10.82 -10.63
N TYR C 80 -13.75 11.98 -10.63
CA TYR C 80 -15.14 12.09 -10.22
C TYR C 80 -16.00 12.64 -11.35
N LEU C 81 -17.26 12.20 -11.34
CA LEU C 81 -18.29 12.72 -12.22
C LEU C 81 -19.46 13.17 -11.36
N GLN C 82 -19.84 14.43 -11.49
CA GLN C 82 -20.97 14.95 -10.74
C GLN C 82 -22.03 15.38 -11.73
N ILE C 83 -23.25 14.92 -11.50
CA ILE C 83 -24.42 15.32 -12.28
C ILE C 83 -25.32 16.15 -11.39
N ASN C 84 -25.63 17.36 -11.82
CA ASN C 84 -26.51 18.25 -11.10
C ASN C 84 -27.88 18.32 -11.77
N SER C 85 -28.88 18.71 -10.98
CA SER C 85 -30.28 18.83 -11.43
C SER C 85 -30.75 17.58 -12.18
N LEU C 86 -30.64 16.44 -11.49
CA LEU C 86 -30.93 15.17 -12.11
C LEU C 86 -32.36 15.12 -12.64
N GLU C 87 -32.52 14.49 -13.81
CA GLU C 87 -33.81 14.34 -14.48
C GLU C 87 -33.97 12.88 -14.95
N ALA C 88 -35.18 12.56 -15.40
CA ALA C 88 -35.51 11.17 -15.72
C ALA C 88 -34.54 10.58 -16.74
N GLY C 89 -34.18 11.36 -17.77
CA GLY C 89 -33.26 10.92 -18.79
C GLY C 89 -31.85 10.64 -18.29
N ASP C 90 -31.53 11.02 -17.04
CA ASP C 90 -30.22 10.71 -16.47
C ASP C 90 -30.12 9.28 -15.96
N THR C 91 -31.24 8.58 -15.78
CA THR C 91 -31.19 7.18 -15.38
C THR C 91 -30.36 6.38 -16.39
N ALA C 92 -29.24 5.82 -15.94
CA ALA C 92 -28.30 5.18 -16.87
C ALA C 92 -27.18 4.55 -16.07
N VAL C 93 -26.34 3.79 -16.75
CA VAL C 93 -25.08 3.31 -16.21
C VAL C 93 -23.97 4.20 -16.75
N TYR C 94 -23.11 4.68 -15.87
CA TYR C 94 -22.01 5.56 -16.24
C TYR C 94 -20.69 4.83 -16.04
N TYR C 95 -19.83 4.87 -17.05
CA TYR C 95 -18.52 4.24 -17.03
C TYR C 95 -17.44 5.31 -17.09
N CYS C 96 -16.36 5.08 -16.37
CA CYS C 96 -15.11 5.76 -16.66
C CYS C 96 -14.24 4.85 -17.49
N ALA C 97 -13.45 5.45 -18.37
CA ALA C 97 -12.64 4.70 -19.31
C ALA C 97 -11.31 5.40 -19.52
N ARG C 98 -10.23 4.64 -19.39
CA ARG C 98 -8.89 5.21 -19.49
C ARG C 98 -8.53 5.42 -20.96
N GLY C 99 -7.90 6.55 -21.25
CA GLY C 99 -7.38 6.83 -22.57
C GLY C 99 -6.07 6.13 -22.86
N GLN C 100 -6.09 5.20 -23.80
CA GLN C 100 -4.93 4.42 -24.14
C GLN C 100 -3.87 5.32 -24.78
N PRO C 101 -2.59 5.16 -24.42
CA PRO C 101 -1.55 5.95 -25.07
C PRO C 101 -1.44 5.55 -26.54
N PRO C 102 -0.99 6.46 -27.42
CA PRO C 102 -0.47 7.80 -27.10
C PRO C 102 -1.49 8.95 -27.21
N VAL C 103 -2.59 8.78 -27.94
CA VAL C 103 -3.53 9.87 -28.18
C VAL C 103 -4.83 9.74 -27.39
N GLY C 104 -5.09 8.59 -26.77
CA GLY C 104 -6.24 8.47 -25.89
C GLY C 104 -7.59 8.49 -26.57
N TRP C 105 -7.68 8.10 -27.84
CA TRP C 105 -8.96 7.98 -28.51
C TRP C 105 -9.44 6.54 -28.54
N THR C 106 -8.70 5.66 -27.88
CA THR C 106 -9.09 4.29 -27.61
C THR C 106 -9.19 4.15 -26.10
N PHE C 107 -10.19 3.44 -25.63
CA PHE C 107 -10.39 3.24 -24.19
C PHE C 107 -9.98 1.82 -23.86
N ASP C 108 -8.79 1.66 -23.26
CA ASP C 108 -8.21 0.34 -23.09
C ASP C 108 -8.63 -0.35 -21.80
N TYR C 109 -8.97 0.40 -20.77
CA TYR C 109 -9.50 -0.17 -19.54
C TYR C 109 -10.74 0.62 -19.14
N TRP C 110 -11.75 -0.08 -18.64
CA TRP C 110 -13.04 0.47 -18.29
C TRP C 110 -13.36 0.16 -16.83
N GLY C 111 -13.97 1.12 -16.13
CA GLY C 111 -14.60 0.82 -14.86
C GLY C 111 -15.79 -0.10 -15.02
N GLN C 112 -16.20 -0.73 -13.92
CA GLN C 112 -17.31 -1.68 -13.94
C GLN C 112 -18.66 -1.01 -14.10
N GLY C 113 -18.71 0.31 -14.03
CA GLY C 113 -19.97 1.00 -14.25
C GLY C 113 -20.69 1.31 -12.95
N THR C 114 -21.43 2.41 -12.96
CA THR C 114 -22.26 2.85 -11.83
C THR C 114 -23.67 3.12 -12.33
N LEU C 115 -24.65 2.40 -11.79
CA LEU C 115 -26.05 2.67 -12.08
C LEU C 115 -26.51 3.89 -11.29
N VAL C 116 -27.17 4.82 -11.99
CA VAL C 116 -27.86 5.94 -11.37
C VAL C 116 -29.33 5.86 -11.78
N THR C 117 -30.20 5.76 -10.81
CA THR C 117 -31.62 5.75 -11.01
C THR C 117 -32.23 7.00 -10.44
N VAL C 118 -32.95 7.68 -11.30
CA VAL C 118 -33.65 8.89 -10.97
C VAL C 118 -35.13 8.60 -10.92
N SER C 119 -35.69 8.70 -9.73
CA SER C 119 -37.11 8.43 -9.50
C SER C 119 -38.16 9.28 -10.27
N SER C 120 -39.35 8.71 -10.32
CA SER C 120 -40.49 9.22 -10.99
C SER C 120 -41.61 8.56 -10.18
N ALA D 3 -24.44 7.89 -33.99
CA ALA D 3 -23.74 8.53 -35.09
C ALA D 3 -22.88 7.66 -36.02
N LEU D 4 -22.51 6.48 -35.60
CA LEU D 4 -21.87 5.58 -36.51
C LEU D 4 -22.98 4.53 -36.75
N THR D 5 -23.09 4.05 -37.97
CA THR D 5 -24.11 3.10 -38.32
C THR D 5 -23.64 1.68 -38.30
N GLN D 6 -24.35 0.89 -37.52
CA GLN D 6 -24.17 -0.54 -37.35
C GLN D 6 -25.50 -1.28 -37.50
N PRO D 7 -25.47 -2.52 -38.00
CA PRO D 7 -26.74 -3.24 -38.04
C PRO D 7 -27.20 -3.59 -36.64
N PRO D 8 -28.52 -3.61 -36.42
CA PRO D 8 -28.98 -3.97 -35.10
C PRO D 8 -28.63 -5.38 -34.66
N SER D 9 -28.50 -6.31 -35.56
CA SER D 9 -28.22 -7.63 -35.18
C SER D 9 -27.31 -8.42 -36.15
N ALA D 10 -26.61 -9.37 -35.62
CA ALA D 10 -25.82 -10.22 -36.40
C ALA D 10 -25.92 -11.64 -35.84
N SER D 11 -25.64 -12.62 -36.64
CA SER D 11 -25.67 -13.99 -36.28
C SER D 11 -24.66 -14.89 -36.99
N GLY D 12 -24.20 -15.89 -36.26
CA GLY D 12 -23.26 -16.88 -36.71
C GLY D 12 -23.39 -18.26 -36.02
N SER D 13 -22.81 -19.28 -36.60
CA SER D 13 -22.87 -20.59 -36.00
C SER D 13 -21.55 -20.92 -35.35
N PRO D 14 -21.52 -21.83 -34.38
CA PRO D 14 -20.22 -22.12 -33.77
C PRO D 14 -19.19 -22.64 -34.75
N GLY D 15 -18.00 -22.12 -34.63
CA GLY D 15 -16.91 -22.46 -35.49
C GLY D 15 -16.80 -21.67 -36.77
N GLN D 16 -17.83 -20.94 -37.14
CA GLN D 16 -17.90 -20.13 -38.35
C GLN D 16 -17.58 -18.63 -38.21
N SER D 17 -17.69 -17.88 -39.27
CA SER D 17 -17.44 -16.47 -39.26
C SER D 17 -18.64 -15.53 -39.33
N VAL D 18 -18.49 -14.42 -38.64
CA VAL D 18 -19.44 -13.36 -38.63
C VAL D 18 -18.73 -12.02 -38.84
N THR D 19 -19.34 -11.14 -39.60
CA THR D 19 -18.83 -9.81 -39.91
C THR D 19 -19.84 -8.69 -39.54
N ILE D 20 -19.44 -7.72 -38.74
CA ILE D 20 -20.26 -6.58 -38.36
C ILE D 20 -19.71 -5.27 -38.96
N SER D 21 -20.58 -4.51 -39.59
CA SER D 21 -20.23 -3.24 -40.23
C SER D 21 -20.43 -2.02 -39.32
N CYS D 22 -19.74 -0.94 -39.66
CA CYS D 22 -19.69 0.35 -39.01
C CYS D 22 -19.42 1.49 -40.03
N THR D 23 -20.45 2.25 -40.31
CA THR D 23 -20.46 3.29 -41.29
C THR D 23 -20.52 4.68 -40.73
N GLY D 24 -19.48 5.41 -41.02
CA GLY D 24 -19.29 6.78 -40.63
C GLY D 24 -19.19 7.66 -41.82
N THR D 25 -18.52 8.78 -41.67
CA THR D 25 -18.29 9.68 -42.75
C THR D 25 -16.81 9.92 -42.99
N SER D 26 -16.50 10.77 -43.93
CA SER D 26 -15.14 11.19 -44.18
C SER D 26 -14.58 12.02 -43.04
N SER D 27 -15.41 12.65 -42.21
CA SER D 27 -15.05 13.36 -41.05
C SER D 27 -14.64 12.46 -39.85
N ASP D 28 -14.90 11.17 -39.93
CA ASP D 28 -14.59 10.28 -38.83
C ASP D 28 -13.91 8.98 -39.26
N VAL D 29 -14.67 7.91 -39.42
CA VAL D 29 -14.21 6.64 -39.89
C VAL D 29 -13.38 6.80 -41.15
N GLY D 30 -13.88 7.52 -42.13
CA GLY D 30 -13.21 7.79 -43.36
C GLY D 30 -12.00 8.69 -43.31
N GLY D 31 -11.94 9.59 -42.37
CA GLY D 31 -10.81 10.47 -42.33
C GLY D 31 -9.75 10.15 -41.35
N TYR D 32 -9.95 9.22 -40.44
CA TYR D 32 -8.92 8.95 -39.45
C TYR D 32 -8.64 7.46 -39.31
N ASN D 33 -7.51 7.10 -38.75
CA ASN D 33 -7.20 5.72 -38.53
C ASN D 33 -7.42 5.28 -37.08
N TYR D 34 -8.30 6.02 -36.42
CA TYR D 34 -8.66 5.82 -35.05
C TYR D 34 -9.98 5.08 -34.77
N VAL D 35 -10.14 3.92 -35.40
CA VAL D 35 -11.32 3.10 -35.24
C VAL D 35 -11.09 2.02 -34.23
N SER D 36 -12.02 1.90 -33.33
CA SER D 36 -12.02 0.84 -32.34
C SER D 36 -13.27 -0.03 -32.30
N TRP D 37 -13.12 -1.14 -31.64
CA TRP D 37 -14.19 -2.05 -31.41
C TRP D 37 -14.10 -2.55 -30.02
N TYR D 38 -15.24 -2.56 -29.40
CA TYR D 38 -15.48 -3.03 -28.10
C TYR D 38 -16.54 -4.16 -28.06
N GLN D 39 -16.29 -5.08 -27.17
CA GLN D 39 -17.14 -6.20 -26.86
C GLN D 39 -17.75 -5.98 -25.51
N GLN D 40 -19.04 -5.96 -25.47
CA GLN D 40 -19.77 -5.76 -24.24
C GLN D 40 -20.79 -6.82 -23.92
N HIS D 41 -20.56 -7.57 -22.87
CA HIS D 41 -21.61 -8.44 -22.42
C HIS D 41 -22.55 -7.51 -21.62
N PRO D 42 -23.83 -7.45 -22.00
CA PRO D 42 -24.81 -6.59 -21.31
C PRO D 42 -24.74 -6.62 -19.75
N GLY D 43 -24.63 -5.46 -19.17
CA GLY D 43 -24.42 -5.34 -17.75
C GLY D 43 -22.96 -5.34 -17.31
N LYS D 44 -22.04 -5.56 -18.21
CA LYS D 44 -20.63 -5.56 -17.86
C LYS D 44 -19.92 -4.46 -18.55
N ALA D 45 -18.70 -4.22 -18.14
CA ALA D 45 -17.94 -3.21 -18.79
C ALA D 45 -17.62 -3.61 -20.21
N PRO D 46 -17.68 -2.69 -21.12
CA PRO D 46 -17.18 -3.00 -22.45
C PRO D 46 -15.66 -3.30 -22.41
N LYS D 47 -15.26 -4.25 -23.21
CA LYS D 47 -13.92 -4.66 -23.34
C LYS D 47 -13.34 -4.36 -24.73
N LEU D 48 -12.14 -3.83 -24.74
CA LEU D 48 -11.48 -3.48 -25.98
C LEU D 48 -11.04 -4.73 -26.72
N ILE D 49 -11.33 -4.78 -28.00
CA ILE D 49 -10.98 -5.92 -28.86
C ILE D 49 -10.10 -5.57 -30.05
N ILE D 50 -10.31 -4.42 -30.61
CA ILE D 50 -9.61 -3.85 -31.75
C ILE D 50 -9.39 -2.34 -31.60
N TYR D 51 -8.19 -1.89 -31.90
CA TYR D 51 -7.79 -0.52 -31.89
C TYR D 51 -7.02 -0.15 -33.15
N GLU D 52 -7.07 1.10 -33.52
CA GLU D 52 -6.43 1.61 -34.67
C GLU D 52 -6.75 0.75 -35.95
N VAL D 53 -8.02 0.53 -36.19
CA VAL D 53 -8.61 -0.28 -37.29
C VAL D 53 -8.39 -1.79 -37.23
N SER D 54 -7.14 -2.22 -37.14
CA SER D 54 -6.74 -3.59 -37.14
C SER D 54 -5.91 -4.14 -35.97
N LYS D 55 -5.39 -3.31 -35.11
CA LYS D 55 -4.58 -3.80 -34.02
C LYS D 55 -5.37 -4.46 -32.89
N ARG D 56 -4.83 -5.52 -32.36
CA ARG D 56 -5.47 -6.19 -31.27
C ARG D 56 -4.71 -5.94 -30.02
N PRO D 57 -5.40 -5.76 -28.90
CA PRO D 57 -4.63 -5.71 -27.66
C PRO D 57 -4.16 -7.08 -27.28
N SER D 58 -3.16 -7.08 -26.43
CA SER D 58 -2.57 -8.29 -25.94
C SER D 58 -3.58 -9.14 -25.25
N GLY D 59 -3.68 -10.39 -25.60
CA GLY D 59 -4.67 -11.23 -24.97
C GLY D 59 -5.97 -11.42 -25.74
N VAL D 60 -6.16 -10.70 -26.81
CA VAL D 60 -7.30 -10.84 -27.65
C VAL D 60 -6.86 -11.79 -28.77
N PRO D 61 -7.47 -12.96 -28.87
CA PRO D 61 -7.01 -13.86 -29.92
C PRO D 61 -7.20 -13.33 -31.32
N ASP D 62 -6.39 -13.89 -32.20
CA ASP D 62 -6.42 -13.60 -33.61
C ASP D 62 -7.71 -13.97 -34.39
N ARG D 63 -8.67 -14.67 -33.81
CA ARG D 63 -10.02 -14.90 -34.32
C ARG D 63 -10.70 -13.55 -34.58
N PHE D 64 -10.47 -12.55 -33.72
CA PHE D 64 -10.92 -11.19 -33.90
C PHE D 64 -9.98 -10.40 -34.84
N SER D 65 -10.59 -9.74 -35.80
CA SER D 65 -9.89 -8.93 -36.76
C SER D 65 -10.71 -7.77 -37.23
N GLY D 66 -10.06 -6.74 -37.70
CA GLY D 66 -10.68 -5.54 -38.18
C GLY D 66 -10.01 -4.96 -39.40
N SER D 67 -10.78 -4.25 -40.16
CA SER D 67 -10.36 -3.64 -41.38
C SER D 67 -11.23 -2.47 -41.74
N LYS D 68 -10.84 -1.67 -42.72
CA LYS D 68 -11.66 -0.57 -43.15
C LYS D 68 -11.49 -0.18 -44.60
N SER D 69 -12.51 0.44 -45.13
CA SER D 69 -12.54 0.85 -46.50
C SER D 69 -13.45 2.02 -46.69
N GLY D 70 -12.87 3.13 -47.10
CA GLY D 70 -13.62 4.35 -47.23
C GLY D 70 -14.26 4.69 -45.89
N ASN D 71 -15.53 4.98 -45.87
CA ASN D 71 -16.24 5.33 -44.65
C ASN D 71 -16.82 4.15 -43.81
N THR D 72 -16.46 2.95 -44.15
CA THR D 72 -16.94 1.77 -43.48
C THR D 72 -15.88 0.88 -42.88
N ALA D 73 -15.95 0.67 -41.61
CA ALA D 73 -15.07 -0.22 -40.91
C ALA D 73 -15.80 -1.56 -40.67
N SER D 74 -15.05 -2.61 -40.47
CA SER D 74 -15.53 -3.97 -40.28
C SER D 74 -14.80 -4.81 -39.28
N LEU D 75 -15.54 -5.56 -38.51
CA LEU D 75 -15.04 -6.49 -37.55
C LEU D 75 -15.50 -7.89 -37.86
N THR D 76 -14.55 -8.78 -38.05
CA THR D 76 -14.73 -10.17 -38.33
C THR D 76 -14.32 -10.98 -37.13
N VAL D 77 -15.15 -11.92 -36.79
CA VAL D 77 -14.95 -12.79 -35.70
C VAL D 77 -15.12 -14.20 -36.25
N SER D 78 -14.04 -14.97 -36.24
CA SER D 78 -14.05 -16.34 -36.71
C SER D 78 -13.92 -17.34 -35.57
N GLY D 79 -14.18 -18.60 -35.86
CA GLY D 79 -14.21 -19.64 -34.87
C GLY D 79 -15.15 -19.24 -33.75
N LEU D 80 -16.37 -18.89 -34.09
CA LEU D 80 -17.32 -18.45 -33.11
C LEU D 80 -17.55 -19.40 -31.97
N GLN D 81 -17.43 -18.84 -30.77
CA GLN D 81 -17.62 -19.54 -29.57
C GLN D 81 -18.84 -18.94 -28.87
N ALA D 82 -19.45 -19.70 -27.96
CA ALA D 82 -20.66 -19.27 -27.27
C ALA D 82 -20.53 -17.99 -26.49
N GLU D 83 -19.37 -17.75 -25.92
CA GLU D 83 -19.19 -16.51 -25.24
C GLU D 83 -18.77 -15.29 -26.03
N ASP D 84 -18.82 -15.42 -27.36
CA ASP D 84 -18.67 -14.36 -28.33
C ASP D 84 -20.07 -13.66 -28.36
N GLU D 85 -21.15 -14.36 -27.98
CA GLU D 85 -22.49 -13.75 -27.83
C GLU D 85 -22.40 -12.53 -26.93
N ALA D 86 -22.60 -11.38 -27.52
CA ALA D 86 -22.45 -10.07 -26.92
C ALA D 86 -22.92 -8.94 -27.82
N ASP D 87 -22.82 -7.74 -27.30
CA ASP D 87 -23.07 -6.54 -27.98
C ASP D 87 -21.72 -5.96 -28.51
N TYR D 88 -21.70 -5.57 -29.75
CA TYR D 88 -20.48 -5.00 -30.36
C TYR D 88 -20.55 -3.51 -30.71
N TYR D 89 -19.62 -2.76 -30.22
CA TYR D 89 -19.59 -1.37 -30.51
C TYR D 89 -18.35 -0.88 -31.28
N CYS D 90 -18.61 -0.12 -32.29
CA CYS D 90 -17.51 0.56 -32.97
C CYS D 90 -17.39 1.98 -32.43
N SER D 91 -16.24 2.60 -32.55
CA SER D 91 -16.04 3.98 -32.17
C SER D 91 -15.00 4.60 -33.09
N SER D 92 -15.08 5.92 -33.24
CA SER D 92 -14.12 6.61 -34.10
C SER D 92 -13.87 8.02 -33.59
N TYR D 93 -12.63 8.46 -33.78
CA TYR D 93 -12.28 9.86 -33.66
C TYR D 93 -12.91 10.64 -34.81
N THR D 94 -13.22 11.92 -34.55
CA THR D 94 -13.83 12.79 -35.53
C THR D 94 -13.02 14.07 -35.72
N SER D 95 -13.26 14.75 -36.84
CA SER D 95 -12.59 16.03 -37.10
C SER D 95 -13.00 17.12 -36.12
N SER D 96 -14.03 16.90 -35.29
CA SER D 96 -14.45 17.85 -34.27
C SER D 96 -13.71 17.65 -32.95
N SER D 97 -12.63 16.86 -32.96
CA SER D 97 -11.89 16.51 -31.73
C SER D 97 -12.82 15.87 -30.70
N THR D 98 -13.68 14.97 -31.16
CA THR D 98 -14.55 14.19 -30.29
C THR D 98 -14.43 12.72 -30.64
N LEU D 99 -15.04 11.89 -29.80
CA LEU D 99 -15.17 10.45 -30.04
C LEU D 99 -16.65 10.14 -30.19
N VAL D 100 -17.00 9.39 -31.24
CA VAL D 100 -18.38 8.99 -31.47
C VAL D 100 -18.47 7.48 -31.46
N PHE D 101 -19.60 6.96 -31.01
CA PHE D 101 -19.87 5.53 -30.99
C PHE D 101 -20.89 5.16 -32.04
N GLY D 102 -20.82 3.91 -32.49
CA GLY D 102 -21.91 3.34 -33.24
C GLY D 102 -23.00 2.88 -32.31
N GLY D 103 -24.16 2.57 -32.90
CA GLY D 103 -25.30 2.15 -32.09
C GLY D 103 -25.19 0.76 -31.52
N GLY D 104 -24.19 -0.02 -31.90
CA GLY D 104 -24.06 -1.35 -31.34
C GLY D 104 -24.77 -2.41 -32.18
N THR D 105 -24.23 -3.62 -32.15
CA THR D 105 -24.80 -4.77 -32.85
C THR D 105 -24.87 -5.96 -31.90
N LYS D 106 -26.06 -6.50 -31.69
CA LYS D 106 -26.19 -7.72 -30.90
C LYS D 106 -25.80 -8.91 -31.77
N LEU D 107 -24.78 -9.63 -31.33
CA LEU D 107 -24.31 -10.85 -31.99
C LEU D 107 -24.80 -12.07 -31.22
N THR D 108 -25.56 -12.91 -31.91
CA THR D 108 -26.04 -14.19 -31.39
C THR D 108 -25.28 -15.32 -32.07
N VAL D 109 -24.85 -16.30 -31.31
CA VAL D 109 -24.17 -17.48 -31.78
C VAL D 109 -25.21 -18.57 -31.61
N LEU D 110 -25.65 -19.05 -32.74
CA LEU D 110 -26.73 -19.98 -32.89
C LEU D 110 -26.60 -21.25 -32.16
N GLY D 111 -25.43 -21.83 -32.20
CA GLY D 111 -25.20 -23.04 -31.50
C GLY D 111 -26.16 -24.12 -31.92
N GLN E 1 15.28 12.07 -1.56
CA GLN E 1 15.58 13.49 -1.32
C GLN E 1 14.66 14.44 -2.09
N VAL E 2 13.99 15.33 -1.37
CA VAL E 2 13.01 16.24 -1.98
C VAL E 2 13.73 17.39 -2.67
N GLN E 3 13.33 17.71 -3.90
CA GLN E 3 13.99 18.78 -4.65
C GLN E 3 13.03 19.48 -5.60
N LEU E 4 13.10 20.81 -5.63
CA LEU E 4 12.37 21.64 -6.59
C LEU E 4 13.36 22.40 -7.45
N VAL E 5 13.31 22.16 -8.77
CA VAL E 5 14.24 22.79 -9.70
C VAL E 5 13.48 23.69 -10.65
N GLN E 6 13.84 24.97 -10.65
CA GLN E 6 13.16 25.97 -11.47
C GLN E 6 13.93 26.25 -12.75
N SER E 7 13.23 26.86 -13.71
CA SER E 7 13.85 27.23 -14.97
C SER E 7 14.70 28.50 -14.81
N GLY E 8 15.47 28.81 -15.85
CA GLY E 8 16.49 29.84 -15.81
C GLY E 8 15.99 31.29 -15.87
N SER E 9 16.95 32.21 -15.76
CA SER E 9 16.66 33.65 -15.72
C SER E 9 15.94 34.09 -16.99
N GLU E 10 15.07 35.08 -16.85
CA GLU E 10 14.32 35.62 -17.97
C GLU E 10 14.51 37.13 -18.06
N LEU E 11 14.55 37.63 -19.30
CA LEU E 11 14.61 39.06 -19.60
C LEU E 11 13.50 39.35 -20.60
N LYS E 12 12.53 40.17 -20.20
CA LYS E 12 11.35 40.41 -21.01
C LYS E 12 11.06 41.91 -21.10
N LYS E 13 10.32 42.27 -22.13
CA LYS E 13 9.83 43.61 -22.33
C LYS E 13 8.41 43.78 -21.77
N PRO E 14 8.04 45.01 -21.40
CA PRO E 14 6.69 45.24 -20.85
C PRO E 14 5.59 44.86 -21.84
N GLY E 15 4.49 44.34 -21.28
CA GLY E 15 3.34 43.87 -22.01
C GLY E 15 3.41 42.41 -22.40
N ALA E 16 4.61 41.86 -22.51
CA ALA E 16 4.82 40.46 -22.81
C ALA E 16 4.47 39.60 -21.60
N SER E 17 4.51 38.29 -21.81
CA SER E 17 4.27 37.31 -20.76
C SER E 17 5.53 36.47 -20.52
N VAL E 18 5.56 35.78 -19.39
CA VAL E 18 6.66 34.88 -19.12
C VAL E 18 6.13 33.71 -18.31
N ARG E 19 6.65 32.51 -18.58
CA ARG E 19 6.25 31.29 -17.88
C ARG E 19 7.48 30.64 -17.25
N ILE E 20 7.36 30.35 -15.96
CA ILE E 20 8.43 29.80 -15.13
C ILE E 20 8.00 28.41 -14.70
N SER E 21 8.95 27.47 -14.70
CA SER E 21 8.65 26.09 -14.37
C SER E 21 9.35 25.69 -13.09
N CYS E 22 8.70 24.81 -12.34
CA CYS E 22 9.20 24.28 -11.08
C CYS E 22 8.94 22.78 -11.07
N LYS E 23 9.99 22.00 -11.33
CA LYS E 23 9.92 20.55 -11.42
C LYS E 23 10.23 19.93 -10.06
N ALA E 24 9.35 19.03 -9.61
CA ALA E 24 9.44 18.42 -8.29
C ALA E 24 9.94 16.98 -8.37
N SER E 25 10.88 16.62 -7.50
CA SER E 25 11.34 15.25 -7.39
C SER E 25 11.46 14.91 -5.90
N GLY E 26 11.56 13.61 -5.61
CA GLY E 26 11.75 13.12 -4.26
C GLY E 26 10.49 12.86 -3.47
N TYR E 27 9.32 13.00 -4.09
CA TYR E 27 8.03 12.76 -3.45
C TYR E 27 7.01 12.71 -4.57
N SER E 28 5.79 12.36 -4.21
CA SER E 28 4.74 12.33 -5.21
C SER E 28 4.21 13.75 -5.40
N PHE E 29 4.47 14.32 -6.57
CA PHE E 29 4.07 15.70 -6.88
C PHE E 29 2.61 15.98 -6.48
N THR E 30 1.70 15.04 -6.76
CA THR E 30 0.27 15.25 -6.56
C THR E 30 -0.19 15.11 -5.12
N SER E 31 0.70 14.82 -4.16
CA SER E 31 0.32 14.67 -2.76
C SER E 31 0.43 15.94 -1.92
N LEU E 32 1.07 17.00 -2.42
CA LEU E 32 1.27 18.21 -1.63
C LEU E 32 1.05 19.45 -2.50
N SER E 33 0.53 20.50 -1.87
CA SER E 33 0.26 21.75 -2.56
C SER E 33 1.56 22.37 -3.04
N MET E 34 1.45 23.30 -4.00
CA MET E 34 2.61 24.09 -4.41
C MET E 34 2.25 25.55 -4.20
N ASN E 35 3.16 26.29 -3.57
CA ASN E 35 2.99 27.72 -3.31
C ASN E 35 3.98 28.51 -4.12
N TRP E 36 3.66 29.79 -4.31
CA TRP E 36 4.52 30.71 -5.04
C TRP E 36 4.83 31.92 -4.16
N VAL E 37 6.09 32.36 -4.20
CA VAL E 37 6.57 33.47 -3.38
C VAL E 37 7.38 34.41 -4.26
N ARG E 38 7.16 35.71 -4.10
CA ARG E 38 7.92 36.73 -4.80
C ARG E 38 8.89 37.42 -3.84
N GLN E 39 10.05 37.81 -4.39
CA GLN E 39 11.01 38.63 -3.65
C GLN E 39 11.62 39.63 -4.64
N ALA E 40 11.12 40.85 -4.61
CA ALA E 40 11.70 41.94 -5.39
C ALA E 40 13.10 42.24 -4.87
N PRO E 41 13.97 42.83 -5.70
CA PRO E 41 15.37 43.02 -5.27
C PRO E 41 15.44 43.85 -4.01
N GLY E 42 16.08 43.29 -2.98
CA GLY E 42 16.27 44.00 -1.73
C GLY E 42 15.10 43.96 -0.78
N GLN E 43 13.99 43.35 -1.18
CA GLN E 43 12.76 43.38 -0.41
C GLN E 43 12.55 42.02 0.25
N GLY E 44 11.43 41.87 0.95
CA GLY E 44 11.14 40.64 1.65
C GLY E 44 10.34 39.67 0.81
N LEU E 45 10.04 38.51 1.42
CA LEU E 45 9.22 37.49 0.77
C LEU E 45 7.74 37.85 0.81
N GLU E 46 7.05 37.62 -0.30
CA GLU E 46 5.60 37.83 -0.42
C GLU E 46 4.95 36.57 -0.93
N TRP E 47 3.87 36.14 -0.27
CA TRP E 47 3.14 34.95 -0.67
C TRP E 47 2.20 35.29 -1.81
N MET E 48 2.38 34.63 -2.96
CA MET E 48 1.56 34.87 -4.13
C MET E 48 0.30 34.02 -4.16
N GLY E 49 0.31 32.89 -3.49
CA GLY E 49 -0.81 31.97 -3.49
C GLY E 49 -0.32 30.56 -3.64
N TRP E 50 -1.27 29.66 -3.94
CA TRP E 50 -0.99 28.25 -4.05
C TRP E 50 -1.88 27.59 -5.10
N ILE E 51 -1.49 26.39 -5.50
CA ILE E 51 -2.25 25.56 -6.43
C ILE E 51 -2.32 24.15 -5.86
N SER E 52 -3.53 23.59 -5.88
CA SER E 52 -3.75 22.22 -5.45
C SER E 52 -3.30 21.28 -6.55
N THR E 53 -2.34 20.41 -6.24
CA THR E 53 -1.94 19.38 -7.17
C THR E 53 -2.92 18.19 -7.16
N LYS E 54 -3.91 18.21 -6.25
CA LYS E 54 -4.98 17.21 -6.27
C LYS E 54 -5.94 17.47 -7.40
N SER E 55 -6.32 18.74 -7.60
CA SER E 55 -7.34 19.10 -8.57
C SER E 55 -6.88 20.06 -9.65
N GLY E 56 -5.77 20.77 -9.46
CA GLY E 56 -5.37 21.82 -10.36
C GLY E 56 -5.97 23.16 -10.04
N ASP E 57 -6.81 23.24 -9.01
CA ASP E 57 -7.49 24.48 -8.65
C ASP E 57 -6.49 25.47 -8.06
N PRO E 58 -6.36 26.68 -8.61
CA PRO E 58 -5.49 27.71 -8.01
C PRO E 58 -6.22 28.69 -7.11
N THR E 59 -5.50 29.17 -6.09
CA THR E 59 -5.95 30.19 -5.17
C THR E 59 -4.90 31.29 -5.13
N TYR E 60 -5.27 32.50 -5.56
CA TYR E 60 -4.35 33.63 -5.68
C TYR E 60 -4.44 34.57 -4.49
N ALA E 61 -3.31 35.10 -4.05
CA ALA E 61 -3.34 36.14 -3.04
C ALA E 61 -3.97 37.40 -3.64
N GLN E 62 -4.59 38.20 -2.77
CA GLN E 62 -5.26 39.42 -3.21
C GLN E 62 -4.34 40.27 -4.09
N ALA E 63 -3.09 40.42 -3.69
CA ALA E 63 -2.14 41.25 -4.43
C ALA E 63 -1.74 40.65 -5.78
N PHE E 64 -2.00 39.36 -6.01
CA PHE E 64 -1.56 38.70 -7.23
C PHE E 64 -2.75 38.15 -8.01
N THR E 65 -3.84 38.91 -7.98
CA THR E 65 -5.07 38.53 -8.67
C THR E 65 -5.17 39.35 -9.94
N GLY E 66 -5.34 38.66 -11.07
CA GLY E 66 -5.43 39.34 -12.35
C GLY E 66 -4.47 38.87 -13.41
N ARG E 67 -3.18 39.14 -13.24
CA ARG E 67 -2.16 38.90 -14.25
C ARG E 67 -1.33 37.65 -14.01
N PHE E 68 -1.58 36.91 -12.94
CA PHE E 68 -0.76 35.77 -12.57
C PHE E 68 -1.57 34.48 -12.70
N VAL E 69 -0.95 33.46 -13.30
CA VAL E 69 -1.63 32.17 -13.55
C VAL E 69 -0.77 31.04 -13.00
N PHE E 70 -1.32 30.28 -12.06
CA PHE E 70 -0.71 29.04 -11.58
C PHE E 70 -1.28 27.87 -12.37
N SER E 71 -0.40 27.02 -12.93
CA SER E 71 -0.84 25.84 -13.68
C SER E 71 0.03 24.64 -13.33
N LEU E 72 -0.33 23.50 -13.91
CA LEU E 72 0.33 22.23 -13.66
C LEU E 72 0.46 21.43 -14.95
N ASP E 73 1.52 20.64 -15.03
CA ASP E 73 1.57 19.41 -15.83
C ASP E 73 2.04 18.34 -14.85
N THR E 74 1.08 17.64 -14.23
CA THR E 74 1.42 16.59 -13.28
C THR E 74 2.17 15.44 -13.95
N SER E 75 1.98 15.24 -15.25
CA SER E 75 2.64 14.10 -15.90
C SER E 75 4.15 14.28 -15.95
N VAL E 76 4.65 15.51 -15.88
CA VAL E 76 6.08 15.76 -15.73
C VAL E 76 6.37 16.37 -14.36
N ASN E 77 5.46 16.18 -13.41
CA ASN E 77 5.65 16.60 -12.01
C ASN E 77 6.05 18.07 -11.91
N THR E 78 5.42 18.93 -12.72
CA THR E 78 5.87 20.31 -12.84
C THR E 78 4.72 21.29 -12.59
N ALA E 79 5.02 22.33 -11.80
CA ALA E 79 4.13 23.48 -11.64
C ALA E 79 4.67 24.68 -12.43
N TYR E 80 3.77 25.45 -13.01
CA TYR E 80 4.15 26.62 -13.78
C TYR E 80 3.52 27.87 -13.20
N LEU E 81 4.26 28.98 -13.31
CA LEU E 81 3.80 30.31 -12.96
C LEU E 81 3.96 31.19 -14.16
N GLN E 82 2.87 31.79 -14.62
CA GLN E 82 2.94 32.70 -15.74
C GLN E 82 2.54 34.09 -15.25
N ILE E 83 3.33 35.08 -15.64
CA ILE E 83 3.03 36.49 -15.39
C ILE E 83 2.70 37.11 -16.74
N ASN E 84 1.51 37.67 -16.84
CA ASN E 84 1.00 38.31 -18.04
C ASN E 84 1.04 39.83 -17.89
N SER E 85 1.07 40.51 -19.03
CA SER E 85 1.12 41.98 -19.09
C SER E 85 2.23 42.51 -18.18
N LEU E 86 3.45 42.04 -18.45
CA LEU E 86 4.60 42.35 -17.61
C LEU E 86 4.84 43.85 -17.49
N GLU E 87 5.23 44.29 -16.30
CA GLU E 87 5.59 45.68 -16.03
C GLU E 87 6.89 45.70 -15.23
N ALA E 88 7.47 46.90 -15.12
CA ALA E 88 8.78 47.04 -14.48
C ALA E 88 8.80 46.48 -13.07
N GLY E 89 7.72 46.73 -12.31
CA GLY E 89 7.61 46.25 -10.93
C GLY E 89 7.59 44.74 -10.79
N ASP E 90 7.50 44.00 -11.90
CA ASP E 90 7.55 42.54 -11.86
C ASP E 90 8.98 42.02 -11.75
N THR E 91 9.98 42.87 -11.97
CA THR E 91 11.36 42.44 -11.83
C THR E 91 11.60 41.92 -10.42
N ALA E 92 11.91 40.63 -10.30
CA ALA E 92 12.00 40.01 -8.98
C ALA E 92 12.46 38.58 -9.14
N VAL E 93 12.75 37.93 -8.02
CA VAL E 93 13.00 36.49 -7.99
C VAL E 93 11.73 35.78 -7.52
N TYR E 94 11.32 34.75 -8.24
CA TYR E 94 10.13 33.98 -7.93
C TYR E 94 10.52 32.57 -7.49
N TYR E 95 9.98 32.14 -6.35
CA TYR E 95 10.23 30.82 -5.79
C TYR E 95 8.96 30.00 -5.81
N CYS E 96 9.12 28.71 -6.10
CA CYS E 96 8.10 27.74 -5.76
C CYS E 96 8.49 27.07 -4.44
N ALA E 97 7.48 26.75 -3.64
CA ALA E 97 7.71 26.22 -2.30
C ALA E 97 6.65 25.18 -2.00
N ARG E 98 7.11 24.02 -1.55
CA ARG E 98 6.26 22.87 -1.31
C ARG E 98 5.52 23.04 0.01
N GLY E 99 4.24 22.72 0.02
CA GLY E 99 3.50 22.76 1.27
C GLY E 99 3.76 21.54 2.13
N GLN E 100 4.41 21.73 3.26
CA GLN E 100 4.68 20.63 4.15
C GLN E 100 3.40 20.00 4.73
N PRO E 101 3.34 18.66 4.80
CA PRO E 101 2.15 18.02 5.35
C PRO E 101 2.08 18.08 6.88
N PRO E 102 0.88 18.20 7.44
CA PRO E 102 -0.36 17.96 6.72
C PRO E 102 -1.14 19.16 6.15
N VAL E 103 -0.91 20.35 6.61
CA VAL E 103 -1.75 21.43 6.17
C VAL E 103 -1.16 22.35 5.14
N GLY E 104 0.13 22.29 4.96
CA GLY E 104 0.79 23.10 3.94
C GLY E 104 0.95 24.58 4.22
N TRP E 105 0.97 25.00 5.48
CA TRP E 105 1.26 26.39 5.80
C TRP E 105 2.70 26.59 6.25
N THR E 106 3.49 25.53 6.21
CA THR E 106 4.92 25.58 6.35
C THR E 106 5.51 25.17 5.02
N PHE E 107 6.52 25.90 4.55
CA PHE E 107 7.15 25.58 3.28
C PHE E 107 8.47 24.89 3.60
N ASP E 108 8.49 23.58 3.45
CA ASP E 108 9.66 22.78 3.80
C ASP E 108 10.65 22.61 2.65
N TYR E 109 10.24 22.73 1.37
CA TYR E 109 11.20 22.66 0.27
C TYR E 109 10.94 23.83 -0.69
N TRP E 110 12.04 24.49 -1.11
CA TRP E 110 11.98 25.70 -1.94
C TRP E 110 12.84 25.44 -3.18
N GLY E 111 12.35 25.86 -4.34
CA GLY E 111 13.19 25.94 -5.50
C GLY E 111 14.25 27.01 -5.35
N GLN E 112 15.25 26.95 -6.23
CA GLN E 112 16.34 27.91 -6.16
C GLN E 112 15.93 29.30 -6.61
N GLY E 113 14.74 29.47 -7.19
CA GLY E 113 14.32 30.80 -7.59
C GLY E 113 14.62 31.10 -9.04
N THR E 114 13.77 31.93 -9.63
CA THR E 114 13.95 32.36 -11.01
C THR E 114 13.89 33.87 -11.07
N LEU E 115 14.95 34.50 -11.55
CA LEU E 115 14.96 35.96 -11.74
C LEU E 115 14.20 36.32 -13.00
N VAL E 116 13.32 37.30 -12.90
CA VAL E 116 12.63 37.91 -14.03
C VAL E 116 12.99 39.38 -14.07
N THR E 117 13.62 39.80 -15.15
CA THR E 117 13.96 41.20 -15.38
C THR E 117 13.06 41.74 -16.47
N VAL E 118 12.29 42.77 -16.16
CA VAL E 118 11.51 43.46 -17.18
C VAL E 118 12.29 44.73 -17.52
N SER E 119 12.76 44.80 -18.76
CA SER E 119 13.66 45.90 -19.16
C SER E 119 12.88 47.18 -19.32
N SER F 2 5.19 45.17 5.93
CA SER F 2 4.75 43.77 5.84
C SER F 2 3.79 43.46 6.98
N ALA F 3 3.09 42.33 6.87
CA ALA F 3 2.07 42.03 7.86
C ALA F 3 2.66 41.69 9.23
N LEU F 4 3.83 41.06 9.25
CA LEU F 4 4.50 40.71 10.50
C LEU F 4 5.71 41.63 10.69
N THR F 5 5.94 42.05 11.93
CA THR F 5 7.00 43.00 12.25
C THR F 5 8.20 42.27 12.83
N GLN F 6 9.36 42.43 12.19
CA GLN F 6 10.66 41.95 12.62
C GLN F 6 11.63 43.12 12.75
N PRO F 7 12.61 43.06 13.65
CA PRO F 7 13.66 44.10 13.66
C PRO F 7 14.47 44.03 12.38
N PRO F 8 14.92 45.18 11.86
CA PRO F 8 15.68 45.15 10.61
C PRO F 8 16.99 44.38 10.72
N SER F 9 17.61 44.36 11.89
CA SER F 9 18.93 43.73 12.00
C SER F 9 19.11 43.19 13.41
N ALA F 10 20.07 42.28 13.54
CA ALA F 10 20.50 41.76 14.82
C ALA F 10 21.94 41.31 14.66
N SER F 11 22.69 41.32 15.77
CA SER F 11 24.11 40.99 15.73
C SER F 11 24.52 40.27 16.99
N GLY F 12 25.57 39.46 16.86
CA GLY F 12 26.17 38.79 17.99
C GLY F 12 27.55 38.34 17.62
N SER F 13 28.33 38.04 18.62
CA SER F 13 29.65 37.48 18.38
C SER F 13 29.55 35.95 18.38
N PRO F 14 30.51 35.26 17.75
CA PRO F 14 30.43 33.80 17.69
C PRO F 14 30.37 33.21 19.09
N GLY F 15 29.50 32.21 19.26
CA GLY F 15 29.27 31.60 20.55
C GLY F 15 28.17 32.24 21.37
N GLN F 16 27.74 33.44 21.01
CA GLN F 16 26.67 34.12 21.73
C GLN F 16 25.30 33.66 21.24
N SER F 17 24.26 34.16 21.91
CA SER F 17 22.88 33.89 21.56
C SER F 17 22.20 35.18 21.09
N VAL F 18 21.41 35.07 20.02
CA VAL F 18 20.65 36.20 19.50
C VAL F 18 19.18 35.81 19.36
N THR F 19 18.28 36.72 19.70
CA THR F 19 16.85 36.49 19.56
C THR F 19 16.24 37.48 18.59
N ILE F 20 15.45 36.97 17.65
CA ILE F 20 14.75 37.77 16.65
C ILE F 20 13.24 37.62 16.87
N SER F 21 12.56 38.74 17.01
CA SER F 21 11.13 38.73 17.29
C SER F 21 10.32 38.91 16.01
N CYS F 22 9.03 38.57 16.11
CA CYS F 22 8.13 38.54 14.97
C CYS F 22 6.74 38.83 15.51
N THR F 23 6.26 40.04 15.31
CA THR F 23 5.02 40.50 15.92
C THR F 23 3.93 40.58 14.86
N GLY F 24 2.84 39.86 15.08
CA GLY F 24 1.70 39.91 14.20
C GLY F 24 0.47 40.37 14.96
N THR F 25 -0.69 39.79 14.67
CA THR F 25 -1.93 40.11 15.36
C THR F 25 -2.59 38.80 15.78
N SER F 26 -3.67 38.92 16.55
CA SER F 26 -4.45 37.74 16.93
C SER F 26 -5.00 37.01 15.71
N SER F 27 -5.04 37.68 14.54
CA SER F 27 -5.53 37.07 13.31
C SER F 27 -4.50 36.15 12.67
N ASP F 28 -3.27 36.18 13.14
CA ASP F 28 -2.24 35.32 12.57
C ASP F 28 -1.35 34.72 13.65
N VAL F 29 -0.30 35.44 14.05
CA VAL F 29 0.68 34.89 14.99
C VAL F 29 0.05 34.42 16.28
N GLY F 30 -0.88 35.20 16.83
CA GLY F 30 -1.45 34.82 18.12
C GLY F 30 -2.53 33.76 18.04
N GLY F 31 -3.24 33.69 16.93
CA GLY F 31 -4.43 32.87 16.85
C GLY F 31 -4.22 31.44 16.42
N TYR F 32 -3.04 31.13 15.89
CA TYR F 32 -2.71 29.80 15.40
C TYR F 32 -1.28 29.51 15.82
N ASN F 33 -0.90 28.24 15.78
CA ASN F 33 0.48 27.83 16.05
C ASN F 33 1.23 27.43 14.78
N TYR F 34 0.87 28.03 13.65
CA TYR F 34 1.57 27.78 12.39
C TYR F 34 2.48 28.95 12.04
N VAL F 35 3.45 29.16 12.94
CA VAL F 35 4.50 30.15 12.77
C VAL F 35 5.76 29.41 12.31
N SER F 36 6.37 29.90 11.23
CA SER F 36 7.57 29.29 10.68
C SER F 36 8.68 30.33 10.61
N TRP F 37 9.92 29.84 10.63
CA TRP F 37 11.11 30.65 10.48
C TRP F 37 11.98 30.02 9.40
N TYR F 38 12.45 30.88 8.49
CA TYR F 38 13.27 30.52 7.36
C TYR F 38 14.57 31.31 7.42
N GLN F 39 15.66 30.63 7.09
CA GLN F 39 16.97 31.23 6.93
C GLN F 39 17.27 31.37 5.45
N GLN F 40 17.69 32.57 5.04
CA GLN F 40 18.00 32.83 3.64
C GLN F 40 19.38 33.47 3.57
N HIS F 41 20.31 32.76 2.99
CA HIS F 41 21.52 33.44 2.57
C HIS F 41 21.19 34.23 1.31
N PRO F 42 21.52 35.51 1.24
CA PRO F 42 21.12 36.32 0.08
C PRO F 42 21.56 35.67 -1.22
N GLY F 43 20.66 35.70 -2.20
CA GLY F 43 20.87 35.04 -3.47
C GLY F 43 20.66 33.54 -3.47
N LYS F 44 20.28 32.94 -2.36
CA LYS F 44 19.95 31.53 -2.29
C LYS F 44 18.51 31.35 -1.85
N ALA F 45 18.02 30.13 -2.01
CA ALA F 45 16.66 29.84 -1.63
C ALA F 45 16.52 29.87 -0.11
N PRO F 46 15.37 30.32 0.40
CA PRO F 46 15.10 30.19 1.83
C PRO F 46 15.13 28.75 2.30
N LYS F 47 15.62 28.55 3.51
CA LYS F 47 15.70 27.24 4.13
C LYS F 47 14.83 27.21 5.38
N LEU F 48 14.00 26.18 5.51
CA LEU F 48 13.14 26.06 6.69
C LEU F 48 13.98 25.77 7.92
N ILE F 49 13.76 26.54 8.97
CA ILE F 49 14.51 26.42 10.22
C ILE F 49 13.61 26.01 11.38
N ILE F 50 12.45 26.64 11.49
CA ILE F 50 11.50 26.36 12.57
C ILE F 50 10.10 26.32 11.97
N TYR F 51 9.27 25.39 12.44
CA TYR F 51 7.88 25.38 12.04
C TYR F 51 7.02 25.04 13.24
N GLU F 52 5.75 25.44 13.16
CA GLU F 52 4.80 25.24 14.25
C GLU F 52 5.38 25.79 15.55
N VAL F 53 5.93 27.01 15.45
CA VAL F 53 6.48 27.79 16.55
C VAL F 53 7.81 27.25 17.07
N SER F 54 7.87 25.96 17.42
CA SER F 54 9.03 25.44 18.15
C SER F 54 9.66 24.17 17.57
N LYS F 55 9.07 23.57 16.53
CA LYS F 55 9.60 22.32 15.98
C LYS F 55 10.73 22.56 14.99
N ARG F 56 11.73 21.69 15.03
CA ARG F 56 12.82 21.85 14.10
C ARG F 56 12.80 20.73 13.06
N PRO F 57 13.00 21.05 11.78
CA PRO F 57 13.15 20.00 10.79
C PRO F 57 14.39 19.17 11.04
N SER F 58 14.36 17.93 10.55
CA SER F 58 15.53 17.05 10.67
C SER F 58 16.71 17.66 9.95
N GLY F 59 17.85 17.69 10.61
CA GLY F 59 19.04 18.28 10.05
C GLY F 59 19.32 19.69 10.52
N VAL F 60 18.37 20.34 11.21
CA VAL F 60 18.58 21.67 11.77
C VAL F 60 19.12 21.51 13.18
N PRO F 61 20.31 22.05 13.50
CA PRO F 61 20.89 21.83 14.83
C PRO F 61 20.01 22.37 15.95
N ASP F 62 20.16 21.79 17.14
CA ASP F 62 19.35 22.22 18.27
C ASP F 62 19.76 23.58 18.82
N ARG F 63 20.79 24.21 18.23
CA ARG F 63 21.11 25.58 18.59
C ARG F 63 19.96 26.51 18.26
N PHE F 64 19.16 26.17 17.25
CA PHE F 64 18.01 26.96 16.83
C PHE F 64 16.77 26.54 17.61
N SER F 65 16.07 27.52 18.15
CA SER F 65 14.84 27.25 18.88
C SER F 65 13.83 28.36 18.63
N GLY F 66 12.58 28.06 18.91
CA GLY F 66 11.51 29.02 18.67
C GLY F 66 10.52 28.98 19.81
N SER F 67 9.94 30.14 20.08
CA SER F 67 8.95 30.29 21.15
C SER F 67 7.92 31.33 20.74
N LYS F 68 6.88 31.47 21.56
CA LYS F 68 5.85 32.46 21.26
C LYS F 68 5.21 32.93 22.56
N SER F 69 4.83 34.20 22.59
CA SER F 69 4.17 34.78 23.74
C SER F 69 3.17 35.81 23.23
N GLY F 70 1.90 35.58 23.50
CA GLY F 70 0.87 36.46 22.97
C GLY F 70 0.95 36.50 21.46
N ASN F 71 1.00 37.71 20.91
CA ASN F 71 1.08 37.92 19.47
C ASN F 71 2.51 38.02 18.95
N THR F 72 3.52 37.58 19.70
CA THR F 72 4.89 37.71 19.23
C THR F 72 5.61 36.38 19.30
N ALA F 73 6.14 35.94 18.17
CA ALA F 73 7.00 34.77 18.13
C ALA F 73 8.46 35.20 18.17
N SER F 74 9.33 34.28 18.55
CA SER F 74 10.74 34.57 18.69
C SER F 74 11.55 33.38 18.21
N LEU F 75 12.61 33.68 17.47
CA LEU F 75 13.63 32.70 17.08
C LEU F 75 14.90 33.02 17.85
N THR F 76 15.47 32.02 18.50
CA THR F 76 16.73 32.17 19.19
C THR F 76 17.77 31.30 18.51
N VAL F 77 18.91 31.90 18.19
CA VAL F 77 20.05 31.20 17.61
C VAL F 77 21.15 31.30 18.66
N SER F 78 21.42 30.20 19.34
CA SER F 78 22.49 30.14 20.32
C SER F 78 23.75 29.52 19.72
N GLY F 79 24.86 29.62 20.45
CA GLY F 79 26.14 29.15 19.96
C GLY F 79 26.41 29.64 18.55
N LEU F 80 26.24 30.94 18.35
CA LEU F 80 26.32 31.58 17.04
C LEU F 80 27.59 31.20 16.30
N GLN F 81 27.44 30.78 15.05
CA GLN F 81 28.55 30.51 14.14
C GLN F 81 28.47 31.47 12.96
N ALA F 82 29.60 31.62 12.26
CA ALA F 82 29.67 32.55 11.14
C ALA F 82 28.69 32.18 10.03
N GLU F 83 28.43 30.88 9.80
CA GLU F 83 27.53 30.53 8.72
C GLU F 83 26.08 30.89 9.05
N ASP F 84 25.78 31.25 10.29
CA ASP F 84 24.44 31.71 10.66
C ASP F 84 24.15 33.09 10.13
N GLU F 85 25.17 33.83 9.71
CA GLU F 85 24.94 35.17 9.16
C GLU F 85 24.07 35.07 7.91
N ALA F 86 22.87 35.69 7.99
CA ALA F 86 21.88 35.53 6.91
C ALA F 86 20.65 36.38 7.19
N ASP F 87 19.66 36.36 6.31
CA ASP F 87 18.37 36.99 6.58
C ASP F 87 17.40 35.96 7.15
N TYR F 88 16.66 36.32 8.18
CA TYR F 88 15.71 35.40 8.79
C TYR F 88 14.30 35.97 8.66
N TYR F 89 13.39 35.16 8.11
CA TYR F 89 12.01 35.56 7.89
C TYR F 89 11.08 34.70 8.72
N CYS F 90 10.16 35.33 9.42
CA CYS F 90 9.07 34.57 10.00
C CYS F 90 7.89 34.59 9.04
N SER F 91 7.01 33.62 9.21
CA SER F 91 5.78 33.51 8.42
C SER F 91 4.68 32.93 9.29
N SER F 92 3.43 33.22 8.93
CA SER F 92 2.31 32.70 9.69
C SER F 92 1.09 32.52 8.80
N TYR F 93 0.32 31.49 9.14
CA TYR F 93 -1.04 31.30 8.65
C TYR F 93 -1.94 32.42 9.19
N THR F 94 -2.96 32.78 8.42
CA THR F 94 -3.88 33.81 8.87
C THR F 94 -5.30 33.27 8.87
N SER F 95 -6.17 33.94 9.63
CA SER F 95 -7.59 33.59 9.68
C SER F 95 -8.28 33.76 8.34
N SER F 96 -7.63 34.41 7.36
CA SER F 96 -8.17 34.52 6.02
C SER F 96 -7.73 33.35 5.13
N SER F 97 -7.15 32.32 5.72
CA SER F 97 -6.56 31.19 4.98
C SER F 97 -5.55 31.69 3.94
N THR F 98 -4.68 32.59 4.39
CA THR F 98 -3.54 33.06 3.62
C THR F 98 -2.30 32.86 4.50
N LEU F 99 -1.13 33.09 3.89
CA LEU F 99 0.13 33.10 4.61
C LEU F 99 0.77 34.47 4.46
N VAL F 100 1.23 35.03 5.57
CA VAL F 100 1.92 36.33 5.56
C VAL F 100 3.34 36.13 6.05
N PHE F 101 4.25 36.97 5.55
CA PHE F 101 5.66 36.95 5.94
C PHE F 101 5.98 38.19 6.77
N GLY F 102 7.01 38.07 7.60
CA GLY F 102 7.62 39.23 8.21
C GLY F 102 8.57 39.90 7.24
N GLY F 103 9.00 41.12 7.59
CA GLY F 103 9.88 41.87 6.71
C GLY F 103 11.32 41.37 6.64
N GLY F 104 11.71 40.42 7.49
CA GLY F 104 13.07 39.91 7.45
C GLY F 104 14.00 40.63 8.41
N THR F 105 14.97 39.88 8.95
CA THR F 105 15.96 40.41 9.89
C THR F 105 17.34 39.98 9.42
N LYS F 106 18.23 40.96 9.20
CA LYS F 106 19.62 40.67 8.85
C LYS F 106 20.40 40.31 10.11
N LEU F 107 20.91 39.08 10.18
CA LEU F 107 21.72 38.64 11.31
C LEU F 107 23.19 38.66 10.90
N THR F 108 23.97 39.48 11.60
CA THR F 108 25.41 39.64 11.40
C THR F 108 26.13 38.92 12.53
N VAL F 109 27.11 38.11 12.17
CA VAL F 109 27.97 37.46 13.16
C VAL F 109 29.31 38.17 13.10
N LEU F 110 29.67 38.81 14.20
CA LEU F 110 30.87 39.64 14.24
C LEU F 110 32.11 38.76 14.11
N GLY F 111 33.14 39.30 13.46
CA GLY F 111 34.38 38.55 13.30
C GLY F 111 35.38 38.87 14.40
N GLN G 1 0.38 -40.44 -5.24
CA GLN G 1 0.61 -39.57 -4.10
C GLN G 1 -0.72 -39.03 -3.60
N VAL G 2 -0.92 -39.10 -2.29
CA VAL G 2 -2.12 -38.56 -1.67
C VAL G 2 -1.95 -37.06 -1.53
N GLN G 3 -2.98 -36.31 -1.93
CA GLN G 3 -2.86 -34.85 -1.87
C GLN G 3 -4.21 -34.21 -1.58
N LEU G 4 -4.23 -33.26 -0.65
CA LEU G 4 -5.40 -32.47 -0.32
C LEU G 4 -5.15 -31.04 -0.75
N VAL G 5 -5.96 -30.54 -1.68
CA VAL G 5 -5.80 -29.20 -2.25
C VAL G 5 -7.02 -28.37 -1.88
N GLN G 6 -6.79 -27.26 -1.17
CA GLN G 6 -7.85 -26.40 -0.67
C GLN G 6 -8.01 -25.18 -1.59
N SER G 7 -9.16 -24.52 -1.47
CA SER G 7 -9.48 -23.34 -2.25
C SER G 7 -8.76 -22.09 -1.71
N GLY G 8 -8.89 -21.00 -2.46
CA GLY G 8 -8.12 -19.78 -2.26
C GLY G 8 -8.46 -18.97 -1.02
N SER G 9 -7.68 -17.88 -0.84
CA SER G 9 -7.53 -17.12 0.41
C SER G 9 -8.77 -16.40 0.97
N GLU G 10 -9.78 -16.05 0.20
CA GLU G 10 -11.00 -15.42 0.78
C GLU G 10 -10.86 -14.19 1.70
N LEU G 11 -11.66 -13.16 1.42
CA LEU G 11 -11.74 -11.97 2.27
C LEU G 11 -13.22 -11.62 2.45
N LYS G 12 -13.68 -11.61 3.69
CA LYS G 12 -15.10 -11.43 3.93
C LYS G 12 -15.34 -10.33 4.94
N LYS G 13 -16.53 -9.81 4.91
CA LYS G 13 -17.03 -8.83 5.86
C LYS G 13 -17.69 -9.52 7.04
N PRO G 14 -17.71 -8.88 8.22
CA PRO G 14 -18.39 -9.50 9.38
C PRO G 14 -19.85 -9.78 9.11
N GLY G 15 -20.33 -10.93 9.62
CA GLY G 15 -21.69 -11.36 9.40
C GLY G 15 -21.88 -12.22 8.15
N ALA G 16 -20.97 -12.11 7.19
CA ALA G 16 -21.08 -12.87 5.95
C ALA G 16 -20.80 -14.35 6.17
N SER G 17 -20.98 -15.12 5.10
CA SER G 17 -20.69 -16.54 5.07
C SER G 17 -19.53 -16.83 4.13
N VAL G 18 -18.90 -17.98 4.32
CA VAL G 18 -17.82 -18.43 3.43
C VAL G 18 -17.79 -19.94 3.42
N ARG G 19 -17.49 -20.52 2.25
CA ARG G 19 -17.38 -21.97 2.10
C ARG G 19 -16.01 -22.30 1.52
N ILE G 20 -15.33 -23.25 2.13
CA ILE G 20 -13.98 -23.67 1.80
C ILE G 20 -14.04 -25.12 1.33
N SER G 21 -13.25 -25.46 0.31
CA SER G 21 -13.22 -26.78 -0.28
C SER G 21 -11.86 -27.44 -0.07
N CYS G 22 -11.88 -28.76 0.07
CA CYS G 22 -10.69 -29.59 0.26
C CYS G 22 -10.85 -30.80 -0.65
N LYS G 23 -10.13 -30.81 -1.78
CA LYS G 23 -10.18 -31.90 -2.73
C LYS G 23 -9.09 -32.90 -2.42
N ALA G 24 -9.49 -34.15 -2.19
CA ALA G 24 -8.59 -35.23 -1.81
C ALA G 24 -8.39 -36.15 -3.00
N SER G 25 -7.15 -36.43 -3.36
CA SER G 25 -6.85 -37.32 -4.47
C SER G 25 -5.72 -38.27 -4.12
N GLY G 26 -5.59 -39.31 -4.94
CA GLY G 26 -4.57 -40.32 -4.73
C GLY G 26 -4.99 -41.52 -3.89
N TYR G 27 -6.26 -41.61 -3.51
CA TYR G 27 -6.76 -42.70 -2.68
C TYR G 27 -8.29 -42.69 -2.76
N SER G 28 -8.90 -43.68 -2.11
CA SER G 28 -10.35 -43.77 -2.08
C SER G 28 -10.90 -42.80 -1.04
N PHE G 29 -11.54 -41.73 -1.52
CA PHE G 29 -12.03 -40.68 -0.64
C PHE G 29 -12.84 -41.22 0.54
N THR G 30 -13.72 -42.18 0.28
CA THR G 30 -14.64 -42.70 1.29
C THR G 30 -14.00 -43.73 2.20
N SER G 31 -12.73 -44.04 2.05
CA SER G 31 -12.09 -45.03 2.92
C SER G 31 -11.53 -44.44 4.22
N LEU G 32 -11.42 -43.11 4.32
CA LEU G 32 -10.85 -42.46 5.49
C LEU G 32 -11.62 -41.19 5.85
N SER G 33 -11.66 -40.90 7.15
CA SER G 33 -12.32 -39.70 7.67
C SER G 33 -11.59 -38.43 7.24
N MET G 34 -12.29 -37.30 7.31
CA MET G 34 -11.66 -36.00 7.06
C MET G 34 -11.85 -35.11 8.29
N ASN G 35 -10.78 -34.48 8.75
CA ASN G 35 -10.75 -33.63 9.93
C ASN G 35 -10.52 -32.17 9.56
N TRP G 36 -10.90 -31.27 10.45
CA TRP G 36 -10.68 -29.85 10.25
C TRP G 36 -9.89 -29.26 11.41
N VAL G 37 -8.90 -28.41 11.09
CA VAL G 37 -8.01 -27.80 12.07
C VAL G 37 -7.90 -26.31 11.77
N ARG G 38 -7.98 -25.48 12.83
CA ARG G 38 -7.83 -24.03 12.68
C ARG G 38 -6.48 -23.59 13.24
N GLN G 39 -5.91 -22.55 12.62
CA GLN G 39 -4.71 -21.92 13.15
C GLN G 39 -4.86 -20.41 12.98
N ALA G 40 -5.23 -19.73 14.06
CA ALA G 40 -5.27 -18.28 14.05
C ALA G 40 -3.85 -17.74 13.89
N PRO G 41 -3.70 -16.54 13.33
CA PRO G 41 -2.34 -16.03 13.03
C PRO G 41 -1.51 -15.93 14.30
N GLY G 42 -0.37 -16.61 14.28
CA GLY G 42 0.52 -16.59 15.41
C GLY G 42 0.21 -17.60 16.49
N GLN G 43 -0.90 -18.33 16.39
CA GLN G 43 -1.30 -19.24 17.43
C GLN G 43 -1.13 -20.68 16.99
N GLY G 44 -1.56 -21.60 17.85
CA GLY G 44 -1.39 -23.01 17.63
C GLY G 44 -2.54 -23.64 16.88
N LEU G 45 -2.40 -24.93 16.65
CA LEU G 45 -3.43 -25.70 15.96
C LEU G 45 -4.58 -26.02 16.91
N GLU G 46 -5.80 -25.89 16.40
CA GLU G 46 -7.02 -26.23 17.14
C GLU G 46 -7.87 -27.20 16.33
N TRP G 47 -8.28 -28.30 16.96
CA TRP G 47 -9.10 -29.30 16.30
C TRP G 47 -10.53 -28.81 16.24
N MET G 48 -11.05 -28.64 15.02
CA MET G 48 -12.42 -28.17 14.87
C MET G 48 -13.43 -29.30 14.89
N GLY G 49 -13.02 -30.53 14.57
CA GLY G 49 -13.89 -31.67 14.49
C GLY G 49 -13.52 -32.52 13.29
N TRP G 50 -14.44 -33.42 12.93
CA TRP G 50 -14.21 -34.31 11.80
C TRP G 50 -15.55 -34.63 11.14
N ILE G 51 -15.48 -35.20 9.95
CA ILE G 51 -16.66 -35.66 9.24
C ILE G 51 -16.37 -37.07 8.72
N SER G 52 -17.35 -37.96 8.93
CA SER G 52 -17.28 -39.33 8.45
C SER G 52 -17.57 -39.33 6.95
N THR G 53 -16.62 -39.84 6.16
CA THR G 53 -16.90 -39.97 4.74
C THR G 53 -17.76 -41.20 4.43
N LYS G 54 -18.05 -42.03 5.44
CA LYS G 54 -18.95 -43.17 5.28
C LYS G 54 -20.39 -42.72 5.14
N SER G 55 -20.82 -41.78 5.98
CA SER G 55 -22.22 -41.36 6.04
C SER G 55 -22.44 -39.86 5.81
N GLY G 56 -21.41 -39.03 5.89
CA GLY G 56 -21.60 -37.60 5.92
C GLY G 56 -21.81 -37.04 7.32
N ASP G 57 -21.73 -37.90 8.33
CA ASP G 57 -21.95 -37.54 9.73
C ASP G 57 -20.87 -36.58 10.20
N PRO G 58 -21.20 -35.37 10.64
CA PRO G 58 -20.16 -34.49 11.21
C PRO G 58 -20.16 -34.48 12.72
N THR G 59 -18.98 -34.36 13.33
CA THR G 59 -18.82 -34.23 14.78
C THR G 59 -17.96 -33.00 15.04
N TYR G 60 -18.54 -32.01 15.71
CA TYR G 60 -17.90 -30.73 15.94
C TYR G 60 -17.28 -30.63 17.33
N ALA G 61 -16.14 -29.97 17.42
CA ALA G 61 -15.57 -29.66 18.72
C ALA G 61 -16.47 -28.68 19.45
N GLN G 62 -16.44 -28.75 20.78
CA GLN G 62 -17.26 -27.87 21.60
C GLN G 62 -17.09 -26.40 21.17
N ALA G 63 -15.85 -26.00 20.89
CA ALA G 63 -15.57 -24.62 20.52
C ALA G 63 -16.06 -24.25 19.13
N PHE G 64 -16.41 -25.23 18.29
CA PHE G 64 -16.81 -24.95 16.92
C PHE G 64 -18.21 -25.49 16.64
N THR G 65 -19.08 -25.36 17.64
CA THR G 65 -20.44 -25.83 17.56
C THR G 65 -21.36 -24.64 17.38
N GLY G 66 -22.17 -24.67 16.32
CA GLY G 66 -23.08 -23.58 16.05
C GLY G 66 -22.95 -22.98 14.67
N ARG G 67 -21.83 -22.32 14.38
CA ARG G 67 -21.68 -21.58 13.14
C ARG G 67 -20.88 -22.31 12.07
N PHE G 68 -20.41 -23.51 12.34
CA PHE G 68 -19.52 -24.23 11.44
C PHE G 68 -20.22 -25.47 10.89
N VAL G 69 -20.08 -25.69 9.58
CA VAL G 69 -20.78 -26.77 8.89
C VAL G 69 -19.76 -27.58 8.10
N PHE G 70 -19.62 -28.85 8.45
CA PHE G 70 -18.84 -29.80 7.64
C PHE G 70 -19.79 -30.49 6.68
N SER G 71 -19.44 -30.52 5.39
CA SER G 71 -20.25 -31.24 4.40
C SER G 71 -19.33 -31.94 3.40
N LEU G 72 -19.94 -32.69 2.47
CA LEU G 72 -19.19 -33.48 1.49
C LEU G 72 -19.86 -33.40 0.12
N ASP G 73 -19.05 -33.43 -0.93
CA ASP G 73 -19.49 -33.89 -2.25
C ASP G 73 -18.50 -34.99 -2.57
N THR G 74 -18.90 -36.18 -2.15
CA THR G 74 -18.09 -37.37 -2.29
C THR G 74 -17.87 -37.74 -3.77
N SER G 75 -18.76 -37.32 -4.67
CA SER G 75 -18.60 -37.68 -6.08
C SER G 75 -17.41 -36.97 -6.73
N VAL G 76 -17.01 -35.81 -6.23
CA VAL G 76 -15.78 -35.17 -6.66
C VAL G 76 -14.73 -35.18 -5.56
N ASN G 77 -14.84 -36.14 -4.64
CA ASN G 77 -13.84 -36.40 -3.60
C ASN G 77 -13.52 -35.15 -2.79
N THR G 78 -14.55 -34.36 -2.46
CA THR G 78 -14.32 -33.06 -1.85
C THR G 78 -15.07 -32.94 -0.53
N ALA G 79 -14.38 -32.43 0.49
CA ALA G 79 -14.99 -32.04 1.76
C ALA G 79 -15.07 -30.52 1.82
N TYR G 80 -16.16 -30.01 2.39
CA TYR G 80 -16.35 -28.57 2.51
C TYR G 80 -16.49 -28.18 3.98
N LEU G 81 -16.01 -26.98 4.28
CA LEU G 81 -16.20 -26.31 5.57
C LEU G 81 -16.88 -24.98 5.30
N GLN G 82 -18.02 -24.74 5.91
CA GLN G 82 -18.71 -23.46 5.75
C GLN G 82 -18.74 -22.76 7.10
N ILE G 83 -18.36 -21.49 7.11
CA ILE G 83 -18.44 -20.65 8.31
C ILE G 83 -19.51 -19.59 8.07
N ASN G 84 -20.50 -19.56 8.95
CA ASN G 84 -21.59 -18.59 8.91
C ASN G 84 -21.38 -17.56 9.99
N SER G 85 -21.98 -16.38 9.76
CA SER G 85 -21.90 -15.26 10.70
C SER G 85 -20.45 -14.98 11.09
N LEU G 86 -19.63 -14.72 10.08
CA LEU G 86 -18.21 -14.48 10.29
C LEU G 86 -17.97 -13.29 11.21
N GLU G 87 -17.01 -13.45 12.12
CA GLU G 87 -16.60 -12.44 13.09
C GLU G 87 -15.08 -12.32 13.08
N ALA G 88 -14.58 -11.31 13.80
CA ALA G 88 -13.15 -11.02 13.77
C ALA G 88 -12.32 -12.23 14.18
N GLY G 89 -12.72 -12.94 15.23
CA GLY G 89 -11.95 -14.09 15.69
C GLY G 89 -11.85 -15.23 14.69
N ASP G 90 -12.61 -15.19 13.59
CA ASP G 90 -12.54 -16.25 12.58
C ASP G 90 -11.36 -16.09 11.61
N THR G 91 -10.69 -14.95 11.60
CA THR G 91 -9.51 -14.77 10.75
C THR G 91 -8.45 -15.80 11.11
N ALA G 92 -8.11 -16.69 10.17
CA ALA G 92 -7.22 -17.80 10.49
C ALA G 92 -6.93 -18.58 9.22
N VAL G 93 -5.99 -19.51 9.32
CA VAL G 93 -5.78 -20.50 8.26
C VAL G 93 -6.50 -21.78 8.69
N TYR G 94 -7.27 -22.34 7.78
CA TYR G 94 -8.03 -23.56 8.03
C TYR G 94 -7.45 -24.69 7.19
N TYR G 95 -7.18 -25.82 7.84
CA TYR G 95 -6.64 -27.00 7.20
C TYR G 95 -7.68 -28.13 7.22
N CYS G 96 -7.73 -28.89 6.14
CA CYS G 96 -8.32 -30.21 6.19
C CYS G 96 -7.20 -31.22 6.35
N ALA G 97 -7.50 -32.30 7.06
CA ALA G 97 -6.48 -33.27 7.40
C ALA G 97 -7.08 -34.67 7.38
N ARG G 98 -6.44 -35.57 6.65
CA ARG G 98 -6.95 -36.92 6.50
C ARG G 98 -6.64 -37.73 7.74
N GLY G 99 -7.61 -38.53 8.18
CA GLY G 99 -7.42 -39.46 9.28
C GLY G 99 -6.65 -40.71 8.87
N GLN G 100 -5.46 -40.89 9.43
CA GLN G 100 -4.64 -42.03 9.06
C GLN G 100 -5.29 -43.32 9.51
N PRO G 101 -5.34 -44.35 8.66
CA PRO G 101 -5.89 -45.63 9.10
C PRO G 101 -4.99 -46.25 10.15
N PRO G 102 -5.53 -47.11 11.03
CA PRO G 102 -6.90 -47.62 11.05
C PRO G 102 -7.85 -46.84 11.97
N VAL G 103 -7.32 -46.05 12.90
CA VAL G 103 -8.15 -45.39 13.91
C VAL G 103 -8.43 -43.92 13.64
N GLY G 104 -7.63 -43.28 12.78
CA GLY G 104 -7.91 -41.92 12.34
C GLY G 104 -7.78 -40.80 13.34
N TRP G 105 -7.00 -40.97 14.42
CA TRP G 105 -6.72 -39.85 15.33
C TRP G 105 -5.34 -39.26 15.09
N THR G 106 -4.66 -39.72 14.05
CA THR G 106 -3.45 -39.13 13.52
C THR G 106 -3.74 -38.64 12.11
N PHE G 107 -3.20 -37.48 11.77
CA PHE G 107 -3.45 -36.87 10.47
C PHE G 107 -2.20 -36.99 9.60
N ASP G 108 -2.26 -37.89 8.61
CA ASP G 108 -1.06 -38.20 7.82
C ASP G 108 -0.89 -37.31 6.60
N TYR G 109 -1.96 -36.76 6.06
CA TYR G 109 -1.85 -35.80 4.96
C TYR G 109 -2.71 -34.59 5.29
N TRP G 110 -2.15 -33.41 5.01
CA TRP G 110 -2.77 -32.13 5.30
C TRP G 110 -2.90 -31.34 4.02
N GLY G 111 -4.03 -30.63 3.87
CA GLY G 111 -4.12 -29.61 2.86
C GLY G 111 -3.19 -28.46 3.14
N GLN G 112 -2.91 -27.67 2.10
CA GLN G 112 -1.97 -26.54 2.18
C GLN G 112 -2.53 -25.36 2.97
N GLY G 113 -3.80 -25.41 3.34
CA GLY G 113 -4.40 -24.38 4.17
C GLY G 113 -5.11 -23.32 3.37
N THR G 114 -6.16 -22.76 3.97
CA THR G 114 -6.90 -21.66 3.38
C THR G 114 -6.98 -20.53 4.40
N LEU G 115 -6.41 -19.38 4.05
CA LEU G 115 -6.53 -18.19 4.86
C LEU G 115 -7.94 -17.66 4.72
N VAL G 116 -8.56 -17.28 5.84
CA VAL G 116 -9.81 -16.54 5.86
C VAL G 116 -9.57 -15.25 6.64
N THR G 117 -9.78 -14.11 5.97
CA THR G 117 -9.65 -12.80 6.59
C THR G 117 -11.04 -12.18 6.69
N VAL G 118 -11.43 -11.80 7.92
CA VAL G 118 -12.67 -11.10 8.17
C VAL G 118 -12.32 -9.63 8.37
N SER G 119 -12.82 -8.78 7.48
CA SER G 119 -12.42 -7.38 7.43
C SER G 119 -12.97 -6.59 8.62
N SER H 2 -3.87 -23.48 25.64
CA SER H 2 -4.02 -24.75 24.94
C SER H 2 -4.29 -25.89 25.93
N ALA H 3 -4.83 -27.01 25.43
CA ALA H 3 -5.16 -28.12 26.32
C ALA H 3 -3.92 -28.91 26.77
N LEU H 4 -2.92 -29.04 25.91
CA LEU H 4 -1.69 -29.73 26.25
C LEU H 4 -0.60 -28.68 26.43
N THR H 5 0.26 -28.90 27.41
CA THR H 5 1.28 -27.92 27.78
C THR H 5 2.61 -28.30 27.16
N GLN H 6 3.15 -27.41 26.32
CA GLN H 6 4.47 -27.55 25.73
C GLN H 6 5.26 -26.29 26.06
N PRO H 7 6.58 -26.41 26.20
CA PRO H 7 7.39 -25.20 26.39
C PRO H 7 7.33 -24.32 25.15
N PRO H 8 7.36 -23.00 25.32
CA PRO H 8 7.31 -22.12 24.15
C PRO H 8 8.51 -22.26 23.23
N SER H 9 9.69 -22.58 23.76
CA SER H 9 10.89 -22.62 22.94
C SER H 9 11.90 -23.60 23.52
N ALA H 10 12.77 -24.07 22.64
CA ALA H 10 13.89 -24.93 22.98
C ALA H 10 14.93 -24.73 21.88
N SER H 11 16.18 -25.03 22.21
CA SER H 11 17.26 -24.83 21.26
C SER H 11 18.30 -25.94 21.38
N GLY H 12 19.06 -26.12 20.31
CA GLY H 12 20.16 -27.07 20.29
C GLY H 12 21.14 -26.68 19.21
N SER H 13 22.34 -27.22 19.32
CA SER H 13 23.35 -27.01 18.30
C SER H 13 23.32 -28.15 17.29
N PRO H 14 23.79 -27.92 16.07
CA PRO H 14 23.76 -29.00 15.07
C PRO H 14 24.54 -30.21 15.55
N GLY H 15 23.97 -31.39 15.29
CA GLY H 15 24.54 -32.64 15.73
C GLY H 15 24.12 -33.08 17.11
N GLN H 16 23.62 -32.16 17.92
CA GLN H 16 23.18 -32.52 19.27
C GLN H 16 21.79 -33.13 19.21
N SER H 17 21.34 -33.63 20.36
CA SER H 17 20.00 -34.18 20.50
C SER H 17 19.24 -33.31 21.50
N VAL H 18 17.99 -33.00 21.19
CA VAL H 18 17.14 -32.19 22.06
C VAL H 18 15.81 -32.91 22.28
N THR H 19 15.31 -32.85 23.53
CA THR H 19 14.03 -33.43 23.89
C THR H 19 13.10 -32.34 24.40
N ILE H 20 11.87 -32.32 23.85
CA ILE H 20 10.81 -31.39 24.24
C ILE H 20 9.60 -32.17 24.76
N SER H 21 8.98 -31.66 25.82
CA SER H 21 7.88 -32.31 26.51
C SER H 21 6.50 -31.77 26.09
N CYS H 22 5.48 -32.55 26.46
CA CYS H 22 4.08 -32.30 26.11
C CYS H 22 3.24 -32.85 27.25
N THR H 23 2.70 -31.98 28.10
CA THR H 23 2.06 -32.41 29.34
C THR H 23 0.56 -32.30 29.24
N GLY H 24 -0.14 -33.41 29.48
CA GLY H 24 -1.59 -33.44 29.51
C GLY H 24 -2.13 -33.96 30.82
N THR H 25 -3.23 -34.72 30.78
CA THR H 25 -3.85 -35.30 31.96
C THR H 25 -4.10 -36.79 31.74
N SER H 26 -4.56 -37.45 32.80
CA SER H 26 -4.93 -38.86 32.70
C SER H 26 -6.04 -39.09 31.69
N SER H 27 -6.79 -38.05 31.31
CA SER H 27 -7.87 -38.14 30.33
C SER H 27 -7.38 -38.09 28.89
N ASP H 28 -6.13 -37.72 28.64
CA ASP H 28 -5.67 -37.65 27.26
C ASP H 28 -4.29 -38.30 27.11
N VAL H 29 -3.21 -37.52 27.25
CA VAL H 29 -1.88 -38.06 27.09
C VAL H 29 -1.66 -39.27 27.99
N GLY H 30 -2.13 -39.18 29.23
CA GLY H 30 -1.94 -40.29 30.14
C GLY H 30 -2.88 -41.46 29.94
N GLY H 31 -4.04 -41.23 29.33
CA GLY H 31 -5.05 -42.28 29.23
C GLY H 31 -5.03 -43.12 27.96
N TYR H 32 -4.33 -42.68 26.93
CA TYR H 32 -4.35 -43.38 25.65
C TYR H 32 -2.96 -43.36 25.04
N ASN H 33 -2.79 -44.19 24.00
CA ASN H 33 -1.56 -44.24 23.23
C ASN H 33 -1.70 -43.55 21.88
N TYR H 34 -2.60 -42.57 21.78
CA TYR H 34 -2.80 -41.84 20.53
C TYR H 34 -2.19 -40.44 20.61
N VAL H 35 -0.88 -40.41 20.87
CA VAL H 35 -0.13 -39.17 20.91
C VAL H 35 0.61 -39.02 19.59
N SER H 36 0.47 -37.87 18.96
CA SER H 36 1.14 -37.57 17.72
C SER H 36 1.97 -36.29 17.88
N TRP H 37 3.00 -36.20 17.04
CA TRP H 37 3.85 -35.02 16.95
C TRP H 37 3.92 -34.61 15.50
N TYR H 38 3.72 -33.31 15.26
CA TYR H 38 3.73 -32.69 13.95
C TYR H 38 4.80 -31.62 13.90
N GLN H 39 5.51 -31.57 12.78
CA GLN H 39 6.48 -30.53 12.51
C GLN H 39 5.85 -29.55 11.54
N GLN H 40 5.91 -28.26 11.88
CA GLN H 40 5.34 -27.22 11.04
C GLN H 40 6.41 -26.16 10.80
N HIS H 41 6.85 -26.06 9.57
CA HIS H 41 7.55 -24.86 9.19
C HIS H 41 6.51 -23.77 8.97
N PRO H 42 6.66 -22.61 9.59
CA PRO H 42 5.63 -21.56 9.52
C PRO H 42 5.24 -21.25 8.08
N GLY H 43 3.95 -21.05 7.87
CA GLY H 43 3.39 -20.85 6.56
C GLY H 43 3.19 -22.10 5.71
N LYS H 44 3.56 -23.27 6.19
CA LYS H 44 3.26 -24.51 5.49
C LYS H 44 2.44 -25.43 6.40
N ALA H 45 1.92 -26.50 5.80
CA ALA H 45 1.10 -27.43 6.52
C ALA H 45 1.94 -28.22 7.53
N PRO H 46 1.36 -28.55 8.67
CA PRO H 46 2.03 -29.46 9.61
C PRO H 46 2.35 -30.79 8.92
N LYS H 47 3.46 -31.40 9.33
CA LYS H 47 3.89 -32.69 8.79
C LYS H 47 3.90 -33.70 9.92
N LEU H 48 3.29 -34.86 9.67
CA LEU H 48 3.28 -35.90 10.68
C LEU H 48 4.70 -36.43 10.88
N ILE H 49 5.13 -36.47 12.14
CA ILE H 49 6.48 -36.91 12.49
C ILE H 49 6.43 -38.15 13.37
N ILE H 50 5.53 -38.18 14.35
CA ILE H 50 5.39 -39.30 15.26
C ILE H 50 3.91 -39.59 15.44
N TYR H 51 3.54 -40.87 15.46
CA TYR H 51 2.18 -41.26 15.77
C TYR H 51 2.22 -42.47 16.70
N GLU H 52 1.12 -42.65 17.45
CA GLU H 52 1.01 -43.73 18.43
C GLU H 52 2.21 -43.72 19.37
N VAL H 53 2.53 -42.54 19.90
CA VAL H 53 3.58 -42.29 20.89
C VAL H 53 4.97 -42.40 20.30
N SER H 54 5.29 -43.51 19.61
CA SER H 54 6.65 -43.79 19.19
C SER H 54 6.82 -44.20 17.73
N LYS H 55 5.73 -44.40 16.98
CA LYS H 55 5.84 -44.85 15.60
C LYS H 55 6.14 -43.69 14.66
N ARG H 56 7.00 -43.93 13.69
CA ARG H 56 7.32 -42.93 12.68
C ARG H 56 6.74 -43.33 11.31
N PRO H 57 6.18 -42.39 10.58
CA PRO H 57 5.77 -42.68 9.20
C PRO H 57 6.99 -42.95 8.34
N SER H 58 6.78 -43.69 7.25
CA SER H 58 7.88 -43.96 6.33
C SER H 58 8.37 -42.64 5.75
N GLY H 59 9.69 -42.46 5.73
CA GLY H 59 10.25 -41.23 5.23
C GLY H 59 10.64 -40.25 6.31
N VAL H 60 10.26 -40.50 7.56
CA VAL H 60 10.70 -39.69 8.69
C VAL H 60 11.97 -40.32 9.25
N PRO H 61 13.10 -39.61 9.28
CA PRO H 61 14.37 -40.24 9.68
C PRO H 61 14.31 -40.75 11.12
N ASP H 62 15.11 -41.77 11.40
CA ASP H 62 15.09 -42.37 12.72
C ASP H 62 15.78 -41.55 13.80
N ARG H 63 16.32 -40.37 13.48
CA ARG H 63 16.77 -39.45 14.52
C ARG H 63 15.61 -38.90 15.34
N PHE H 64 14.40 -38.90 14.78
CA PHE H 64 13.20 -38.50 15.52
C PHE H 64 12.66 -39.72 16.28
N SER H 65 12.40 -39.55 17.56
CA SER H 65 11.84 -40.61 18.39
C SER H 65 10.85 -40.00 19.37
N GLY H 66 10.00 -40.85 19.91
CA GLY H 66 8.97 -40.39 20.81
C GLY H 66 8.76 -41.37 21.95
N SER H 67 8.39 -40.82 23.11
CA SER H 67 8.13 -41.63 24.29
C SER H 67 7.02 -40.98 25.11
N LYS H 68 6.60 -41.70 26.14
CA LYS H 68 5.54 -41.23 27.02
C LYS H 68 5.74 -41.83 28.41
N SER H 69 5.43 -41.04 29.44
CA SER H 69 5.46 -41.52 30.81
C SER H 69 4.44 -40.74 31.61
N GLY H 70 3.51 -41.46 32.24
CA GLY H 70 2.45 -40.81 32.98
C GLY H 70 1.67 -39.90 32.06
N ASN H 71 1.50 -38.66 32.49
CA ASN H 71 0.74 -37.68 31.72
C ASN H 71 1.61 -36.82 30.82
N THR H 72 2.86 -37.23 30.55
CA THR H 72 3.79 -36.41 29.76
C THR H 72 4.38 -37.21 28.60
N ALA H 73 4.22 -36.69 27.39
CA ALA H 73 4.88 -37.23 26.19
C ALA H 73 6.15 -36.45 25.90
N SER H 74 7.04 -37.06 25.13
CA SER H 74 8.34 -36.46 24.85
C SER H 74 8.75 -36.77 23.43
N LEU H 75 9.23 -35.74 22.72
CA LEU H 75 9.80 -35.89 21.38
C LEU H 75 11.29 -35.60 21.45
N THR H 76 12.10 -36.51 20.91
CA THR H 76 13.54 -36.35 20.87
C THR H 76 14.02 -36.28 19.42
N VAL H 77 14.84 -35.28 19.14
CA VAL H 77 15.45 -35.05 17.84
C VAL H 77 16.96 -35.20 18.01
N SER H 78 17.54 -36.26 17.47
CA SER H 78 18.98 -36.44 17.48
C SER H 78 19.57 -35.94 16.17
N GLY H 79 20.90 -35.84 16.13
CA GLY H 79 21.61 -35.34 14.97
C GLY H 79 21.01 -34.08 14.39
N LEU H 80 20.80 -33.08 15.24
CA LEU H 80 20.11 -31.86 14.86
C LEU H 80 20.72 -31.23 13.61
N GLN H 81 19.87 -30.97 12.61
CA GLN H 81 20.27 -30.23 11.42
C GLN H 81 19.43 -28.98 11.27
N ALA H 82 19.93 -28.07 10.43
CA ALA H 82 19.32 -26.76 10.31
C ALA H 82 17.87 -26.83 9.87
N GLU H 83 17.54 -27.80 9.05
CA GLU H 83 16.20 -27.95 8.55
C GLU H 83 15.19 -28.42 9.60
N ASP H 84 15.67 -28.80 10.78
CA ASP H 84 14.84 -29.23 11.88
C ASP H 84 14.21 -28.06 12.60
N GLU H 85 14.73 -26.85 12.39
CA GLU H 85 14.20 -25.64 12.97
C GLU H 85 12.74 -25.39 12.45
N ALA H 86 11.79 -25.50 13.38
CA ALA H 86 10.35 -25.43 13.14
C ALA H 86 9.54 -25.44 14.44
N ASP H 87 8.24 -25.33 14.30
CA ASP H 87 7.34 -25.44 15.41
C ASP H 87 6.85 -26.91 15.50
N TYR H 88 6.90 -27.49 16.69
CA TYR H 88 6.48 -28.83 16.96
C TYR H 88 5.20 -28.85 17.79
N TYR H 89 4.21 -29.56 17.32
CA TYR H 89 2.96 -29.67 18.03
C TYR H 89 2.63 -31.10 18.45
N CYS H 90 2.32 -31.27 19.69
CA CYS H 90 1.82 -32.56 20.11
C CYS H 90 0.30 -32.55 20.10
N SER H 91 -0.27 -33.74 20.00
CA SER H 91 -1.71 -33.93 20.02
C SER H 91 -2.02 -35.27 20.67
N SER H 92 -3.21 -35.36 21.27
CA SER H 92 -3.65 -36.59 21.88
C SER H 92 -5.17 -36.72 21.81
N TYR H 93 -5.61 -37.96 21.67
CA TYR H 93 -7.01 -38.32 21.86
C TYR H 93 -7.38 -38.14 23.32
N THR H 94 -8.65 -37.80 23.56
CA THR H 94 -9.16 -37.56 24.89
C THR H 94 -10.35 -38.48 25.18
N SER H 95 -10.64 -38.63 26.48
CA SER H 95 -11.79 -39.40 26.95
C SER H 95 -13.13 -38.84 26.51
N SER H 96 -13.16 -37.62 25.97
CA SER H 96 -14.38 -37.04 25.43
C SER H 96 -14.56 -37.34 23.94
N SER H 97 -13.79 -38.29 23.41
CA SER H 97 -13.77 -38.59 21.97
C SER H 97 -13.49 -37.35 21.14
N THR H 98 -12.51 -36.57 21.59
CA THR H 98 -12.00 -35.42 20.85
C THR H 98 -10.49 -35.58 20.73
N LEU H 99 -9.88 -34.69 19.94
CA LEU H 99 -8.44 -34.60 19.85
C LEU H 99 -8.01 -33.21 20.28
N VAL H 100 -6.99 -33.13 21.15
CA VAL H 100 -6.49 -31.85 21.63
C VAL H 100 -5.02 -31.68 21.25
N PHE H 101 -4.64 -30.43 21.00
CA PHE H 101 -3.28 -30.06 20.62
C PHE H 101 -2.59 -29.34 21.79
N GLY H 102 -1.26 -29.43 21.79
CA GLY H 102 -0.48 -28.54 22.61
C GLY H 102 -0.28 -27.20 21.93
N GLY H 103 0.19 -26.23 22.71
CA GLY H 103 0.40 -24.88 22.22
C GLY H 103 1.58 -24.74 21.28
N GLY H 104 2.37 -25.79 21.13
CA GLY H 104 3.49 -25.74 20.19
C GLY H 104 4.79 -25.32 20.86
N THR H 105 5.89 -25.83 20.31
CA THR H 105 7.25 -25.51 20.77
C THR H 105 8.08 -25.09 19.58
N LYS H 106 8.67 -23.89 19.64
CA LYS H 106 9.59 -23.44 18.62
C LYS H 106 10.96 -24.06 18.89
N LEU H 107 11.46 -24.88 17.95
CA LEU H 107 12.79 -25.47 18.08
C LEU H 107 13.74 -24.70 17.18
N THR H 108 14.75 -24.09 17.80
CA THR H 108 15.78 -23.31 17.12
C THR H 108 17.06 -24.13 17.04
N VAL H 109 17.66 -24.18 15.86
CA VAL H 109 18.95 -24.84 15.65
C VAL H 109 20.00 -23.75 15.53
N LEU H 110 20.95 -23.75 16.46
CA LEU H 110 21.95 -22.70 16.56
C LEU H 110 22.90 -22.71 15.37
#